data_7ZTN
#
_entry.id   7ZTN
#
_cell.length_a   91.825
_cell.length_b   91.825
_cell.length_c   162.462
_cell.angle_alpha   90.00
_cell.angle_beta   90.00
_cell.angle_gamma   120.00
#
_symmetry.space_group_name_H-M   'P 31 2 1'
#
loop_
_entity.id
_entity.type
_entity.pdbx_description
1 polymer 'Carbohydrate esterase family 16 protein'
2 branched 2-acetamido-2-deoxy-beta-D-glucopyranose-(1-4)-2-acetamido-2-deoxy-beta-D-glucopyranose
3 branched beta-D-mannopyranose-(1-4)-2-acetamido-2-deoxy-beta-D-glucopyranose-(1-4)-2-acetamido-2-deoxy-beta-D-glucopyranose
4 non-polymer 2-acetamido-2-deoxy-beta-D-glucopyranose
5 non-polymer 'ACETATE ION'
6 non-polymer 'POTASSIUM ION'
7 non-polymer 2-[3-(2-HYDROXY-1,1-DIHYDROXYMETHYL-ETHYLAMINO)-PROPYLAMINO]-2-HYDROXYMETHYL-PROPANE-1,3-DIOL
8 non-polymer 'THIOCYANATE ION'
9 non-polymer 1,2-ETHANEDIOL
10 water water
#
_entity_poly.entity_id   1
_entity_poly.type   'polypeptide(L)'
_entity_poly.pdbx_seq_one_letter_code
;SIKSHKDHNFETLVTFGDSYTDNGRLGYYINHGGKAPRPGTMHDETTTTASGGLSWAQFAARDAGATLMDYAVSGAVCSN
QIVSRYFDLINRTFPAILDDEIPSFQADVLFKSLYPHRTAENTVYAVWIGTNDLGWGAFLSDSQTPGKTISDFVSCVFSV
LDHVYKTGGRRFVILNTVPLELAPLYALPENGGTLDSQYWNTKTKYNMTEYGQKIREYSTSVNTMLENGALVMASLKKRW
PKAMVDVFDVHSLFNDIYNAPTKYLDAPHNVNSYYHQCGPAGSPCTDQPGSLNGYMWYDELHPSNKTSSIVARNFLDVVA
GKSKYGTRFHRLEQKLISEEDLNSAVDHHHHHH
;
_entity_poly.pdbx_strand_id   B,A
#
# COMPACT_ATOMS: atom_id res chain seq x y z
N HIS A 5 0.89 -24.76 -30.29
CA HIS A 5 -0.45 -24.03 -30.25
C HIS A 5 -1.46 -24.85 -29.42
N LYS A 6 -1.57 -26.17 -29.65
CA LYS A 6 -2.53 -27.07 -28.93
C LYS A 6 -2.05 -27.29 -27.48
N ASP A 7 -0.78 -27.01 -27.21
CA ASP A 7 -0.17 -26.99 -25.85
C ASP A 7 -0.71 -25.85 -24.98
N HIS A 8 -1.43 -24.87 -25.54
CA HIS A 8 -2.05 -23.74 -24.78
C HIS A 8 -3.57 -23.87 -24.81
N ASN A 9 -4.21 -24.05 -23.65
CA ASN A 9 -5.61 -24.56 -23.57
C ASN A 9 -6.63 -23.41 -23.68
N PHE A 10 -6.45 -22.50 -24.63
CA PHE A 10 -7.44 -21.44 -24.92
C PHE A 10 -7.33 -21.05 -26.40
N GLU A 11 -8.43 -20.50 -26.94
N GLU A 11 -8.41 -20.47 -26.92
CA GLU A 11 -8.60 -20.10 -28.36
CA GLU A 11 -8.60 -20.11 -28.34
C GLU A 11 -8.65 -18.58 -28.50
C GLU A 11 -8.71 -18.60 -28.51
N THR A 12 -9.04 -17.88 -27.44
CA THR A 12 -9.24 -16.41 -27.45
C THR A 12 -8.57 -15.80 -26.22
N LEU A 13 -7.81 -14.74 -26.43
CA LEU A 13 -7.20 -13.91 -25.37
C LEU A 13 -7.81 -12.51 -25.45
N VAL A 14 -8.48 -12.09 -24.38
CA VAL A 14 -9.08 -10.75 -24.24
C VAL A 14 -8.22 -9.98 -23.24
N THR A 15 -7.72 -8.82 -23.65
CA THR A 15 -6.77 -8.03 -22.80
C THR A 15 -7.32 -6.62 -22.56
N PHE A 16 -7.19 -6.15 -21.32
CA PHE A 16 -7.47 -4.77 -20.89
C PHE A 16 -6.17 -4.18 -20.34
N GLY A 17 -5.99 -2.90 -20.52
CA GLY A 17 -4.76 -2.24 -20.06
C GLY A 17 -4.46 -0.94 -20.79
N ASP A 18 -3.16 -0.68 -20.92
CA ASP A 18 -2.62 0.62 -21.37
C ASP A 18 -1.63 0.37 -22.51
N SER A 19 -0.68 1.29 -22.71
CA SER A 19 0.31 1.23 -23.81
C SER A 19 1.23 0.01 -23.71
N TYR A 20 1.35 -0.65 -22.55
CA TYR A 20 2.14 -1.90 -22.47
C TYR A 20 1.45 -2.99 -23.28
N THR A 21 0.13 -2.89 -23.49
CA THR A 21 -0.70 -3.94 -24.11
C THR A 21 -1.25 -3.49 -25.48
N ASP A 22 -1.56 -2.21 -25.65
CA ASP A 22 -2.25 -1.64 -26.85
C ASP A 22 -1.60 -2.15 -28.14
N ASN A 23 -2.42 -2.64 -29.07
CA ASN A 23 -1.96 -3.06 -30.41
C ASN A 23 -2.68 -2.25 -31.48
N GLY A 24 -3.03 -0.99 -31.17
CA GLY A 24 -3.62 -0.06 -32.18
C GLY A 24 -4.86 0.69 -31.74
N ARG A 25 -5.40 0.46 -30.55
CA ARG A 25 -6.73 1.03 -30.21
C ARG A 25 -6.67 2.55 -29.95
N LEU A 26 -5.64 3.07 -29.31
CA LEU A 26 -5.56 4.54 -29.20
C LEU A 26 -5.47 5.13 -30.61
N GLY A 27 -4.73 4.50 -31.53
CA GLY A 27 -4.66 4.97 -32.93
C GLY A 27 -6.04 5.13 -33.54
N TYR A 28 -6.96 4.22 -33.22
CA TYR A 28 -8.35 4.29 -33.71
C TYR A 28 -8.99 5.58 -33.19
N TYR A 29 -8.93 5.82 -31.88
CA TYR A 29 -9.54 7.04 -31.26
C TYR A 29 -8.98 8.29 -31.95
N ILE A 30 -7.66 8.31 -32.15
CA ILE A 30 -6.95 9.46 -32.77
C ILE A 30 -7.52 9.74 -34.17
N ASN A 31 -7.80 8.68 -34.94
CA ASN A 31 -8.12 8.76 -36.39
C ASN A 31 -9.63 8.76 -36.60
N HIS A 32 -10.45 8.67 -35.55
CA HIS A 32 -11.94 8.61 -35.65
C HIS A 32 -12.60 9.56 -34.65
N GLY A 33 -12.05 10.77 -34.55
CA GLY A 33 -12.69 11.91 -33.85
C GLY A 33 -12.77 11.69 -32.36
N GLY A 34 -11.86 10.86 -31.82
CA GLY A 34 -11.76 10.58 -30.39
C GLY A 34 -12.86 9.65 -29.93
N LYS A 35 -13.41 8.83 -30.84
CA LYS A 35 -14.49 7.84 -30.59
C LYS A 35 -13.94 6.42 -30.67
N ALA A 36 -14.51 5.51 -29.88
CA ALA A 36 -14.22 4.07 -29.94
C ALA A 36 -14.80 3.48 -31.20
N PRO A 37 -14.27 2.31 -31.64
CA PRO A 37 -14.87 1.56 -32.76
C PRO A 37 -16.35 1.31 -32.48
N ARG A 38 -17.14 1.18 -33.54
CA ARG A 38 -18.56 0.80 -33.43
C ARG A 38 -18.65 -0.60 -32.84
N PRO A 39 -19.67 -0.89 -32.04
CA PRO A 39 -19.87 -2.26 -31.55
C PRO A 39 -19.83 -3.28 -32.71
N GLY A 40 -19.13 -4.39 -32.51
CA GLY A 40 -19.01 -5.45 -33.51
C GLY A 40 -17.91 -5.15 -34.51
N THR A 41 -17.13 -4.09 -34.27
CA THR A 41 -15.86 -3.85 -35.00
C THR A 41 -14.73 -3.62 -34.00
N MET A 42 -13.56 -4.11 -34.37
CA MET A 42 -12.31 -3.84 -33.67
C MET A 42 -11.48 -2.87 -34.49
N HIS A 43 -10.63 -2.13 -33.80
CA HIS A 43 -9.55 -1.32 -34.41
C HIS A 43 -8.66 -2.22 -35.26
N ASP A 44 -7.95 -1.61 -36.19
CA ASP A 44 -6.91 -2.30 -37.00
C ASP A 44 -5.71 -2.59 -36.09
N GLU A 45 -5.25 -3.82 -36.10
CA GLU A 45 -4.06 -4.23 -35.33
C GLU A 45 -2.81 -3.70 -36.02
N THR A 46 -1.88 -3.15 -35.26
CA THR A 46 -0.51 -2.81 -35.74
C THR A 46 0.51 -3.77 -35.10
N THR A 47 1.61 -4.02 -35.79
CA THR A 47 2.72 -4.83 -35.24
C THR A 47 3.85 -3.93 -34.75
N THR A 48 3.65 -2.59 -34.74
CA THR A 48 4.61 -1.64 -34.14
C THR A 48 3.89 -0.92 -33.01
N THR A 49 4.05 -1.42 -31.79
CA THR A 49 3.38 -0.86 -30.61
C THR A 49 4.38 0.03 -29.86
N ALA A 50 4.00 0.44 -28.65
CA ALA A 50 4.86 1.28 -27.77
C ALA A 50 6.15 0.56 -27.39
N SER A 51 6.25 -0.77 -27.59
CA SER A 51 7.47 -1.61 -27.32
C SER A 51 8.49 -1.48 -28.46
N GLY A 52 8.13 -0.88 -29.58
CA GLY A 52 8.98 -0.86 -30.78
C GLY A 52 8.69 -2.03 -31.69
N GLY A 53 7.80 -2.92 -31.25
CA GLY A 53 7.38 -4.11 -32.00
C GLY A 53 6.08 -4.63 -31.42
N LEU A 54 5.94 -5.94 -31.32
CA LEU A 54 4.72 -6.57 -30.78
C LEU A 54 4.65 -6.25 -29.28
N SER A 55 3.44 -6.14 -28.78
CA SER A 55 3.21 -6.11 -27.31
C SER A 55 3.20 -7.55 -26.79
N TRP A 56 3.31 -7.72 -25.48
CA TRP A 56 3.27 -9.05 -24.85
C TRP A 56 2.00 -9.82 -25.32
N ALA A 57 0.86 -9.14 -25.46
CA ALA A 57 -0.43 -9.83 -25.73
C ALA A 57 -0.36 -10.47 -27.13
N GLN A 58 0.31 -9.80 -28.04
CA GLN A 58 0.47 -10.27 -29.44
C GLN A 58 1.41 -11.48 -29.45
N PHE A 59 2.53 -11.40 -28.74
CA PHE A 59 3.45 -12.56 -28.61
C PHE A 59 2.65 -13.73 -28.03
N ALA A 60 1.88 -13.50 -26.97
CA ALA A 60 1.16 -14.59 -26.26
C ALA A 60 0.10 -15.22 -27.17
N ALA A 61 -0.71 -14.41 -27.84
CA ALA A 61 -1.80 -14.93 -28.71
C ALA A 61 -1.18 -15.70 -29.89
N ARG A 62 -0.10 -15.19 -30.47
CA ARG A 62 0.55 -15.85 -31.62
C ARG A 62 1.06 -17.23 -31.17
N ASP A 63 1.69 -17.30 -30.00
CA ASP A 63 2.33 -18.57 -29.57
C ASP A 63 1.26 -19.56 -29.12
N ALA A 64 0.14 -19.09 -28.60
CA ALA A 64 -1.01 -19.94 -28.19
C ALA A 64 -1.93 -20.33 -29.36
N GLY A 65 -1.69 -19.82 -30.57
CA GLY A 65 -2.60 -19.95 -31.71
C GLY A 65 -3.97 -19.39 -31.38
N ALA A 66 -4.04 -18.29 -30.63
CA ALA A 66 -5.29 -17.71 -30.08
C ALA A 66 -5.63 -16.41 -30.83
N THR A 67 -6.91 -16.10 -30.92
CA THR A 67 -7.41 -14.79 -31.41
C THR A 67 -7.21 -13.76 -30.32
N LEU A 68 -6.55 -12.65 -30.62
CA LEU A 68 -6.36 -11.54 -29.66
C LEU A 68 -7.46 -10.51 -29.83
N MET A 69 -8.21 -10.26 -28.75
CA MET A 69 -9.15 -9.12 -28.65
C MET A 69 -8.56 -8.12 -27.66
N ASP A 70 -7.83 -7.13 -28.17
CA ASP A 70 -6.97 -6.27 -27.32
C ASP A 70 -7.65 -4.92 -27.11
N TYR A 71 -8.31 -4.75 -25.97
CA TYR A 71 -9.10 -3.55 -25.66
C TYR A 71 -8.22 -2.49 -24.98
N ALA A 72 -6.95 -2.81 -24.72
CA ALA A 72 -6.01 -1.87 -24.10
C ALA A 72 -5.91 -0.61 -24.96
N VAL A 73 -5.80 0.53 -24.30
CA VAL A 73 -5.68 1.86 -24.94
C VAL A 73 -4.47 2.57 -24.34
N SER A 74 -3.51 2.94 -25.16
CA SER A 74 -2.33 3.71 -24.71
C SER A 74 -2.82 4.94 -23.93
N GLY A 75 -2.22 5.15 -22.77
CA GLY A 75 -2.58 6.28 -21.90
C GLY A 75 -3.58 5.89 -20.82
N ALA A 76 -4.13 4.68 -20.84
CA ALA A 76 -5.29 4.35 -19.99
C ALA A 76 -4.91 4.28 -18.50
N VAL A 77 -5.93 4.58 -17.71
CA VAL A 77 -5.97 4.23 -16.27
C VAL A 77 -7.11 3.23 -16.07
N CYS A 78 -7.27 2.74 -14.85
CA CYS A 78 -8.35 1.79 -14.56
C CYS A 78 -9.71 2.49 -14.59
N SER A 79 -9.84 3.65 -13.96
CA SER A 79 -11.13 4.37 -13.81
C SER A 79 -10.89 5.87 -13.86
N ASN A 80 -11.54 6.58 -14.80
CA ASN A 80 -11.43 8.04 -14.89
C ASN A 80 -12.16 8.70 -13.72
N GLN A 81 -12.99 7.98 -12.97
CA GLN A 81 -13.65 8.54 -11.76
C GLN A 81 -12.65 8.64 -10.61
N ILE A 82 -11.59 7.83 -10.63
N ILE A 82 -11.60 7.82 -10.62
CA ILE A 82 -10.51 7.82 -9.60
CA ILE A 82 -10.52 7.85 -9.58
C ILE A 82 -9.47 8.87 -10.00
C ILE A 82 -9.49 8.88 -10.00
N VAL A 83 -9.00 8.80 -11.24
CA VAL A 83 -7.95 9.73 -11.71
C VAL A 83 -8.05 9.76 -13.23
N SER A 84 -7.84 10.90 -13.84
CA SER A 84 -7.93 11.00 -15.32
C SER A 84 -6.86 11.97 -15.80
N ARG A 85 -6.53 11.85 -17.07
CA ARG A 85 -5.59 12.77 -17.74
C ARG A 85 -6.21 13.14 -19.08
N TYR A 86 -6.08 14.41 -19.44
CA TYR A 86 -6.65 14.96 -20.69
C TYR A 86 -5.66 14.72 -21.82
N PHE A 87 -6.14 14.21 -22.96
CA PHE A 87 -5.33 13.99 -24.16
C PHE A 87 -5.83 15.00 -25.19
N ASP A 88 -5.11 16.10 -25.34
CA ASP A 88 -5.55 17.25 -26.16
C ASP A 88 -5.83 16.78 -27.59
N LEU A 89 -5.02 15.87 -28.13
CA LEU A 89 -5.14 15.38 -29.53
C LEU A 89 -6.53 14.81 -29.80
N ILE A 90 -7.22 14.24 -28.81
CA ILE A 90 -8.56 13.63 -29.04
C ILE A 90 -9.67 14.43 -28.36
N ASN A 91 -9.33 15.59 -27.76
CA ASN A 91 -10.29 16.52 -27.10
C ASN A 91 -11.09 15.81 -26.01
N ARG A 92 -10.47 14.87 -25.31
CA ARG A 92 -11.08 14.20 -24.13
C ARG A 92 -9.98 13.56 -23.30
N THR A 93 -10.39 12.98 -22.17
CA THR A 93 -9.49 12.19 -21.32
C THR A 93 -8.92 11.04 -22.14
N PHE A 94 -7.72 10.57 -21.80
CA PHE A 94 -7.35 9.21 -22.22
C PHE A 94 -8.44 8.24 -21.80
N PRO A 95 -8.86 7.32 -22.69
CA PRO A 95 -9.77 6.25 -22.32
C PRO A 95 -9.28 5.43 -21.13
N ALA A 96 -10.22 4.94 -20.33
CA ALA A 96 -9.91 4.14 -19.14
C ALA A 96 -10.57 2.77 -19.29
N ILE A 97 -10.20 1.84 -18.41
CA ILE A 97 -10.74 0.47 -18.54
C ILE A 97 -12.24 0.50 -18.22
N LEU A 98 -12.64 1.01 -17.06
CA LEU A 98 -14.07 0.90 -16.67
C LEU A 98 -14.93 1.78 -17.58
N ASP A 99 -14.41 2.93 -18.00
CA ASP A 99 -15.23 3.99 -18.65
C ASP A 99 -15.33 3.66 -20.15
N ASP A 100 -14.34 3.03 -20.73
CA ASP A 100 -14.22 2.91 -22.20
C ASP A 100 -13.96 1.47 -22.66
N GLU A 101 -12.98 0.78 -22.10
CA GLU A 101 -12.58 -0.55 -22.64
C GLU A 101 -13.66 -1.59 -22.32
N ILE A 102 -14.13 -1.60 -21.07
CA ILE A 102 -15.12 -2.61 -20.65
C ILE A 102 -16.43 -2.39 -21.41
N PRO A 103 -16.99 -1.16 -21.49
CA PRO A 103 -18.19 -0.94 -22.30
C PRO A 103 -18.06 -1.43 -23.75
N SER A 104 -16.89 -1.24 -24.38
CA SER A 104 -16.62 -1.73 -25.77
C SER A 104 -16.79 -3.24 -25.79
N PHE A 105 -16.11 -3.92 -24.89
CA PHE A 105 -16.11 -5.40 -24.78
C PHE A 105 -17.53 -5.89 -24.54
N GLN A 106 -18.25 -5.23 -23.61
CA GLN A 106 -19.65 -5.63 -23.27
C GLN A 106 -20.55 -5.57 -24.50
N ALA A 107 -20.34 -4.60 -25.39
CA ALA A 107 -21.12 -4.49 -26.65
C ALA A 107 -20.69 -5.57 -27.65
N ASP A 108 -19.39 -5.81 -27.75
CA ASP A 108 -18.77 -6.67 -28.80
C ASP A 108 -19.15 -8.15 -28.63
N VAL A 109 -19.31 -8.62 -27.39
CA VAL A 109 -19.49 -10.09 -27.13
C VAL A 109 -20.82 -10.58 -27.70
N LEU A 110 -21.72 -9.65 -28.04
CA LEU A 110 -23.05 -9.96 -28.64
C LEU A 110 -22.92 -10.21 -30.14
N PHE A 111 -21.74 -10.08 -30.74
CA PHE A 111 -21.51 -10.23 -32.20
C PHE A 111 -20.75 -11.52 -32.47
N LYS A 112 -21.41 -12.52 -33.04
CA LYS A 112 -20.75 -13.79 -33.46
C LYS A 112 -19.66 -13.53 -34.50
N SER A 113 -19.78 -12.44 -35.26
CA SER A 113 -18.74 -12.09 -36.27
C SER A 113 -17.42 -11.76 -35.58
N LEU A 114 -17.46 -11.37 -34.29
CA LEU A 114 -16.24 -11.08 -33.47
C LEU A 114 -15.92 -12.26 -32.56
N TYR A 115 -16.94 -12.82 -31.92
CA TYR A 115 -16.83 -13.89 -30.89
C TYR A 115 -17.69 -15.06 -31.32
N PRO A 116 -17.20 -15.88 -32.28
CA PRO A 116 -17.98 -16.99 -32.81
C PRO A 116 -18.33 -18.07 -31.79
N HIS A 117 -17.49 -18.27 -30.77
CA HIS A 117 -17.72 -19.37 -29.80
C HIS A 117 -16.96 -19.09 -28.51
N ARG A 118 -17.32 -17.99 -27.84
CA ARG A 118 -16.65 -17.57 -26.59
C ARG A 118 -17.25 -18.38 -25.42
N THR A 119 -16.44 -19.18 -24.74
CA THR A 119 -16.92 -20.01 -23.60
C THR A 119 -16.07 -19.68 -22.37
N ALA A 120 -16.57 -20.05 -21.19
CA ALA A 120 -15.87 -19.98 -19.89
C ALA A 120 -14.54 -20.72 -19.99
N GLU A 121 -14.48 -21.81 -20.75
CA GLU A 121 -13.29 -22.69 -20.82
C GLU A 121 -12.29 -22.19 -21.88
N ASN A 122 -12.69 -21.56 -22.99
CA ASN A 122 -11.77 -21.39 -24.16
C ASN A 122 -11.24 -19.96 -24.29
N THR A 123 -11.63 -19.07 -23.39
CA THR A 123 -11.23 -17.64 -23.42
C THR A 123 -10.57 -17.27 -22.09
N VAL A 124 -9.41 -16.63 -22.20
CA VAL A 124 -8.64 -16.07 -21.06
C VAL A 124 -8.73 -14.54 -21.13
N TYR A 125 -8.97 -13.93 -19.98
CA TYR A 125 -9.12 -12.46 -19.80
C TYR A 125 -7.99 -11.96 -18.93
N ALA A 126 -7.19 -11.02 -19.44
CA ALA A 126 -6.01 -10.49 -18.74
C ALA A 126 -6.16 -8.98 -18.56
N VAL A 127 -5.76 -8.47 -17.40
N VAL A 127 -5.71 -8.48 -17.40
CA VAL A 127 -5.71 -7.00 -17.14
CA VAL A 127 -5.71 -7.03 -17.05
C VAL A 127 -4.29 -6.65 -16.67
C VAL A 127 -4.28 -6.65 -16.65
N TRP A 128 -3.70 -5.64 -17.29
CA TRP A 128 -2.39 -5.08 -16.90
C TRP A 128 -2.56 -3.56 -16.86
N ILE A 129 -2.75 -3.03 -15.68
CA ILE A 129 -3.02 -1.58 -15.52
C ILE A 129 -2.32 -1.09 -14.26
N GLY A 130 -1.96 0.18 -14.21
CA GLY A 130 -1.37 0.80 -13.01
C GLY A 130 -0.20 1.69 -13.33
N THR A 131 0.51 1.45 -14.45
CA THR A 131 1.69 2.26 -14.82
C THR A 131 1.28 3.73 -14.84
N ASN A 132 0.15 4.05 -15.43
CA ASN A 132 -0.25 5.47 -15.52
C ASN A 132 -0.93 5.90 -14.23
N ASP A 133 -1.77 5.04 -13.65
CA ASP A 133 -2.51 5.38 -12.39
C ASP A 133 -1.50 5.79 -11.32
N LEU A 134 -0.40 5.06 -11.17
CA LEU A 134 0.51 5.30 -10.04
C LEU A 134 1.53 6.38 -10.37
N GLY A 135 1.61 6.83 -11.61
CA GLY A 135 2.73 7.67 -12.06
C GLY A 135 2.44 9.13 -12.07
N TRP A 136 3.36 9.85 -12.72
CA TRP A 136 3.32 11.31 -12.84
C TRP A 136 2.01 11.76 -13.50
N GLY A 137 1.36 12.79 -12.96
CA GLY A 137 0.09 13.31 -13.48
C GLY A 137 -1.11 12.52 -12.96
N ALA A 138 -0.87 11.54 -12.11
CA ALA A 138 -1.92 10.72 -11.50
C ALA A 138 -1.61 10.61 -10.01
N PHE A 139 -1.61 9.43 -9.41
CA PHE A 139 -1.38 9.36 -7.95
C PHE A 139 -0.02 9.94 -7.54
N LEU A 140 1.01 9.87 -8.37
CA LEU A 140 2.36 10.28 -7.92
C LEU A 140 2.40 11.79 -7.65
N SER A 141 1.57 12.56 -8.37
CA SER A 141 1.49 14.03 -8.21
C SER A 141 0.22 14.42 -7.46
N ASP A 142 -0.41 13.45 -6.79
CA ASP A 142 -1.65 13.67 -5.99
C ASP A 142 -2.72 14.31 -6.86
N SER A 143 -2.84 13.87 -8.11
CA SER A 143 -3.76 14.46 -9.10
C SER A 143 -5.09 13.73 -9.14
N GLN A 144 -5.25 12.67 -8.34
CA GLN A 144 -6.52 11.91 -8.31
C GLN A 144 -7.66 12.75 -7.70
N THR A 145 -8.88 12.26 -7.90
CA THR A 145 -10.08 12.77 -7.23
C THR A 145 -9.75 12.91 -5.75
N PRO A 146 -9.98 14.07 -5.13
CA PRO A 146 -9.61 14.26 -3.73
C PRO A 146 -10.17 13.16 -2.81
N GLY A 147 -9.28 12.61 -1.99
CA GLY A 147 -9.63 11.60 -0.98
C GLY A 147 -9.42 10.19 -1.48
N LYS A 148 -9.30 9.97 -2.79
CA LYS A 148 -9.08 8.60 -3.31
C LYS A 148 -7.65 8.20 -2.98
N THR A 149 -7.43 6.90 -2.79
CA THR A 149 -6.12 6.35 -2.42
C THR A 149 -5.77 5.20 -3.35
N ILE A 150 -4.53 4.71 -3.27
CA ILE A 150 -4.11 3.57 -4.11
C ILE A 150 -4.89 2.33 -3.70
N SER A 151 -5.49 2.26 -2.49
CA SER A 151 -6.42 1.15 -2.17
C SER A 151 -7.61 1.15 -3.14
N ASP A 152 -8.09 2.33 -3.54
CA ASP A 152 -9.24 2.49 -4.46
C ASP A 152 -8.85 2.05 -5.87
N PHE A 153 -7.59 2.22 -6.25
CA PHE A 153 -7.08 1.67 -7.52
C PHE A 153 -7.22 0.14 -7.51
N VAL A 154 -6.78 -0.50 -6.43
CA VAL A 154 -6.85 -1.99 -6.37
C VAL A 154 -8.33 -2.44 -6.47
N SER A 155 -9.23 -1.77 -5.77
CA SER A 155 -10.68 -2.08 -5.83
C SER A 155 -11.19 -1.98 -7.26
N CYS A 156 -10.68 -1.02 -8.04
CA CYS A 156 -11.06 -0.85 -9.46
C CYS A 156 -10.66 -2.09 -10.28
N VAL A 157 -9.48 -2.64 -10.06
CA VAL A 157 -9.02 -3.83 -10.82
C VAL A 157 -10.00 -4.99 -10.58
N PHE A 158 -10.41 -5.20 -9.33
CA PHE A 158 -11.38 -6.27 -9.05
C PHE A 158 -12.73 -5.96 -9.69
N SER A 159 -13.12 -4.69 -9.80
CA SER A 159 -14.36 -4.27 -10.51
C SER A 159 -14.28 -4.63 -12.00
N VAL A 160 -13.09 -4.53 -12.61
CA VAL A 160 -12.89 -4.97 -14.02
C VAL A 160 -13.31 -6.44 -14.12
N LEU A 161 -12.83 -7.27 -13.19
CA LEU A 161 -13.14 -8.72 -13.23
C LEU A 161 -14.63 -8.99 -12.99
N ASP A 162 -15.30 -8.22 -12.14
CA ASP A 162 -16.76 -8.32 -11.95
C ASP A 162 -17.48 -8.14 -13.30
N HIS A 163 -17.07 -7.15 -14.07
CA HIS A 163 -17.73 -6.82 -15.36
C HIS A 163 -17.51 -7.99 -16.34
N VAL A 164 -16.29 -8.54 -16.39
CA VAL A 164 -15.98 -9.71 -17.27
C VAL A 164 -16.80 -10.92 -16.80
N TYR A 165 -16.81 -11.16 -15.50
CA TYR A 165 -17.56 -12.29 -14.89
C TYR A 165 -19.02 -12.26 -15.33
N LYS A 166 -19.63 -11.07 -15.30
N LYS A 166 -19.67 -11.09 -15.30
CA LYS A 166 -21.05 -10.78 -15.64
CA LYS A 166 -21.12 -10.98 -15.62
C LYS A 166 -21.38 -11.18 -17.08
C LYS A 166 -21.37 -11.35 -17.08
N THR A 167 -20.37 -11.22 -17.98
CA THR A 167 -20.52 -11.64 -19.39
C THR A 167 -20.32 -13.15 -19.55
N GLY A 168 -19.93 -13.84 -18.49
CA GLY A 168 -19.69 -15.30 -18.46
C GLY A 168 -18.22 -15.68 -18.50
N GLY A 169 -17.30 -14.71 -18.46
CA GLY A 169 -15.86 -15.03 -18.39
C GLY A 169 -15.50 -15.64 -17.05
N ARG A 170 -14.55 -16.56 -17.04
CA ARG A 170 -14.21 -17.28 -15.80
C ARG A 170 -12.70 -17.44 -15.61
N ARG A 171 -11.89 -17.26 -16.65
CA ARG A 171 -10.44 -17.50 -16.55
C ARG A 171 -9.75 -16.14 -16.59
N PHE A 172 -9.29 -15.67 -15.41
CA PHE A 172 -8.76 -14.30 -15.19
C PHE A 172 -7.28 -14.34 -14.84
N VAL A 173 -6.53 -13.38 -15.41
CA VAL A 173 -5.11 -13.14 -15.07
C VAL A 173 -4.97 -11.65 -14.76
N ILE A 174 -4.57 -11.34 -13.53
CA ILE A 174 -4.13 -9.97 -13.17
C ILE A 174 -2.61 -9.93 -13.30
N LEU A 175 -2.09 -9.04 -14.13
CA LEU A 175 -0.64 -8.77 -14.19
C LEU A 175 -0.41 -7.63 -13.22
N ASN A 176 0.50 -7.80 -12.27
CA ASN A 176 0.72 -6.75 -11.25
C ASN A 176 1.57 -5.62 -11.80
N THR A 177 1.91 -4.66 -10.97
CA THR A 177 2.62 -3.45 -11.44
C THR A 177 4.13 -3.73 -11.51
N VAL A 178 4.75 -3.16 -12.51
CA VAL A 178 6.21 -3.32 -12.70
C VAL A 178 6.93 -2.49 -11.65
N PRO A 179 8.25 -2.75 -11.45
CA PRO A 179 9.06 -1.94 -10.56
C PRO A 179 9.32 -0.59 -11.23
N LEU A 180 8.38 0.33 -11.08
CA LEU A 180 8.40 1.60 -11.84
C LEU A 180 9.63 2.45 -11.48
N GLU A 181 10.21 2.26 -10.30
CA GLU A 181 11.43 3.01 -9.92
C GLU A 181 12.61 2.57 -10.79
N LEU A 182 12.53 1.45 -11.52
CA LEU A 182 13.61 0.99 -12.43
C LEU A 182 13.38 1.48 -13.85
N ALA A 183 12.20 1.95 -14.19
CA ALA A 183 11.94 2.56 -15.52
C ALA A 183 12.80 3.80 -15.58
N PRO A 184 13.56 4.06 -16.67
CA PRO A 184 14.38 5.27 -16.70
C PRO A 184 13.61 6.58 -16.40
N LEU A 185 12.31 6.61 -16.68
CA LEU A 185 11.47 7.79 -16.38
C LEU A 185 11.57 8.15 -14.89
N TYR A 186 11.60 7.16 -13.99
CA TYR A 186 11.57 7.40 -12.52
C TYR A 186 12.93 7.17 -11.89
N ALA A 187 13.87 6.60 -12.62
CA ALA A 187 15.24 6.37 -12.12
C ALA A 187 16.03 7.69 -12.02
N LEU A 188 17.08 7.68 -11.22
CA LEU A 188 18.00 8.83 -11.06
C LEU A 188 18.88 8.95 -12.28
N PRO A 189 19.13 10.19 -12.75
CA PRO A 189 20.03 10.40 -13.87
C PRO A 189 21.41 9.73 -13.75
N GLU A 190 21.94 9.66 -12.52
CA GLU A 190 23.23 9.03 -12.23
C GLU A 190 23.17 7.52 -12.57
N ASN A 191 21.98 6.93 -12.61
CA ASN A 191 21.79 5.50 -12.94
C ASN A 191 21.03 5.37 -14.25
N GLY A 192 21.22 6.29 -15.20
CA GLY A 192 20.63 6.17 -16.54
C GLY A 192 19.26 6.82 -16.68
N GLY A 193 18.72 7.39 -15.61
CA GLY A 193 17.37 7.97 -15.63
C GLY A 193 17.28 9.19 -16.53
N THR A 194 16.08 9.50 -16.98
CA THR A 194 15.84 10.72 -17.77
C THR A 194 16.12 11.97 -16.92
N LEU A 195 16.47 13.05 -17.61
CA LEU A 195 16.19 14.40 -17.07
C LEU A 195 14.73 14.73 -17.44
N ASP A 196 14.43 15.94 -17.90
CA ASP A 196 13.04 16.23 -18.31
C ASP A 196 12.68 15.26 -19.43
N SER A 197 11.51 14.67 -19.32
CA SER A 197 11.02 13.56 -20.20
C SER A 197 9.77 14.02 -20.92
N GLN A 198 9.52 13.47 -22.11
CA GLN A 198 8.22 13.57 -22.79
C GLN A 198 7.07 13.11 -21.88
N TYR A 199 7.35 12.25 -20.89
CA TYR A 199 6.32 11.73 -19.95
C TYR A 199 6.31 12.50 -18.62
N TRP A 200 7.28 13.38 -18.39
CA TRP A 200 7.42 14.18 -17.14
C TRP A 200 8.39 15.31 -17.44
N ASN A 201 7.88 16.35 -18.11
CA ASN A 201 8.76 17.35 -18.73
C ASN A 201 9.25 18.37 -17.70
N THR A 202 8.90 18.18 -16.43
CA THR A 202 9.39 18.98 -15.29
C THR A 202 10.10 18.12 -14.26
N LYS A 203 10.48 16.88 -14.60
CA LYS A 203 11.11 15.94 -13.64
C LYS A 203 12.24 16.60 -12.84
N THR A 204 13.10 17.39 -13.47
CA THR A 204 14.31 17.95 -12.81
C THR A 204 13.93 19.05 -11.82
N LYS A 205 12.66 19.43 -11.71
CA LYS A 205 12.19 20.43 -10.72
C LYS A 205 11.81 19.74 -9.41
N TYR A 206 12.00 18.43 -9.33
CA TYR A 206 11.54 17.62 -8.16
C TYR A 206 12.72 16.90 -7.53
N ASN A 207 12.55 16.49 -6.28
CA ASN A 207 13.48 15.54 -5.65
C ASN A 207 13.26 14.16 -6.28
N MET A 208 14.05 13.84 -7.28
CA MET A 208 13.84 12.63 -8.10
C MET A 208 14.03 11.40 -7.22
N THR A 209 14.86 11.48 -6.18
CA THR A 209 15.06 10.34 -5.25
C THR A 209 13.76 10.06 -4.50
N GLU A 210 13.16 11.11 -3.96
CA GLU A 210 11.93 10.96 -3.16
C GLU A 210 10.79 10.44 -4.03
N TYR A 211 10.60 10.98 -5.25
CA TYR A 211 9.50 10.53 -6.11
C TYR A 211 9.74 9.07 -6.55
N GLY A 212 10.99 8.67 -6.82
CA GLY A 212 11.26 7.28 -7.23
C GLY A 212 11.00 6.33 -6.09
N GLN A 213 11.36 6.72 -4.87
CA GLN A 213 11.06 5.82 -3.72
C GLN A 213 9.56 5.78 -3.47
N LYS A 214 8.87 6.89 -3.70
CA LYS A 214 7.39 6.92 -3.50
C LYS A 214 6.73 5.98 -4.51
N ILE A 215 7.17 5.96 -5.76
CA ILE A 215 6.49 5.08 -6.75
C ILE A 215 6.86 3.61 -6.44
N ARG A 216 8.02 3.34 -5.85
CA ARG A 216 8.36 1.97 -5.39
C ARG A 216 7.38 1.58 -4.28
N GLU A 217 7.13 2.49 -3.34
CA GLU A 217 6.17 2.18 -2.24
C GLU A 217 4.78 1.96 -2.82
N TYR A 218 4.34 2.78 -3.76
CA TYR A 218 2.97 2.64 -4.30
C TYR A 218 2.84 1.31 -5.05
N SER A 219 3.80 1.00 -5.91
CA SER A 219 3.74 -0.21 -6.77
C SER A 219 3.85 -1.47 -5.90
N THR A 220 4.77 -1.53 -4.95
CA THR A 220 4.90 -2.73 -4.10
C THR A 220 3.65 -2.88 -3.23
N SER A 221 3.09 -1.78 -2.75
CA SER A 221 1.86 -1.85 -1.90
C SER A 221 0.69 -2.35 -2.73
N VAL A 222 0.49 -1.79 -3.91
CA VAL A 222 -0.58 -2.26 -4.84
C VAL A 222 -0.38 -3.76 -5.13
N ASN A 223 0.86 -4.21 -5.32
CA ASN A 223 1.13 -5.63 -5.64
C ASN A 223 0.75 -6.52 -4.46
N THR A 224 1.06 -6.10 -3.25
CA THR A 224 0.64 -6.89 -2.06
C THR A 224 -0.88 -6.98 -2.00
N MET A 225 -1.54 -5.85 -2.21
CA MET A 225 -3.00 -5.77 -2.12
C MET A 225 -3.67 -6.53 -3.27
N LEU A 226 -3.09 -6.54 -4.46
CA LEU A 226 -3.68 -7.29 -5.60
C LEU A 226 -3.64 -8.79 -5.28
N GLU A 227 -2.51 -9.30 -4.79
CA GLU A 227 -2.37 -10.74 -4.55
C GLU A 227 -3.28 -11.17 -3.39
N ASN A 228 -3.23 -10.49 -2.24
N ASN A 228 -3.19 -10.45 -2.26
CA ASN A 228 -4.03 -10.94 -1.08
CA ASN A 228 -3.94 -10.82 -1.05
C ASN A 228 -5.50 -10.54 -1.23
C ASN A 228 -5.44 -10.52 -1.24
N GLY A 229 -5.79 -9.43 -1.91
CA GLY A 229 -7.19 -9.11 -2.20
C GLY A 229 -7.80 -10.13 -3.14
N ALA A 230 -7.07 -10.57 -4.16
CA ALA A 230 -7.60 -11.57 -5.13
C ALA A 230 -7.87 -12.89 -4.38
N LEU A 231 -7.00 -13.28 -3.46
CA LEU A 231 -7.18 -14.49 -2.64
C LEU A 231 -8.46 -14.34 -1.81
N VAL A 232 -8.64 -13.22 -1.14
CA VAL A 232 -9.84 -12.96 -0.30
C VAL A 232 -11.10 -13.04 -1.17
N MET A 233 -11.10 -12.36 -2.31
CA MET A 233 -12.29 -12.25 -3.18
C MET A 233 -12.61 -13.64 -3.73
N ALA A 234 -11.60 -14.37 -4.18
CA ALA A 234 -11.74 -15.65 -4.88
C ALA A 234 -12.12 -16.74 -3.89
N SER A 235 -11.47 -16.77 -2.72
CA SER A 235 -11.46 -17.97 -1.82
C SER A 235 -12.35 -17.76 -0.60
N LEU A 236 -12.72 -16.54 -0.24
CA LEU A 236 -13.46 -16.25 1.02
C LEU A 236 -14.80 -15.57 0.72
N LYS A 237 -14.80 -14.58 -0.18
CA LYS A 237 -15.98 -13.71 -0.37
C LYS A 237 -16.86 -14.26 -1.49
N LYS A 238 -16.44 -15.32 -2.19
CA LYS A 238 -17.24 -15.95 -3.27
C LYS A 238 -17.57 -14.91 -4.35
N ARG A 239 -16.64 -14.03 -4.67
CA ARG A 239 -16.96 -12.87 -5.54
C ARG A 239 -17.12 -13.34 -6.99
N TRP A 240 -16.40 -14.39 -7.37
CA TRP A 240 -16.38 -14.91 -8.76
C TRP A 240 -16.57 -16.42 -8.74
N PRO A 241 -17.76 -16.94 -8.36
CA PRO A 241 -17.99 -18.37 -8.26
C PRO A 241 -17.58 -19.14 -9.54
N LYS A 242 -16.75 -20.16 -9.35
CA LYS A 242 -16.30 -21.09 -10.43
C LYS A 242 -15.34 -20.40 -11.41
N ALA A 243 -14.82 -19.21 -11.06
CA ALA A 243 -13.74 -18.57 -11.80
C ALA A 243 -12.40 -19.11 -11.30
N MET A 244 -11.41 -18.98 -12.16
CA MET A 244 -9.98 -19.25 -11.87
C MET A 244 -9.28 -17.91 -11.97
N VAL A 245 -8.64 -17.46 -10.91
CA VAL A 245 -7.94 -16.14 -10.89
C VAL A 245 -6.45 -16.38 -10.66
N ASP A 246 -5.64 -16.03 -11.64
CA ASP A 246 -4.17 -16.04 -11.54
C ASP A 246 -3.68 -14.62 -11.31
N VAL A 247 -2.70 -14.48 -10.44
CA VAL A 247 -1.89 -13.23 -10.36
C VAL A 247 -0.50 -13.56 -10.93
N PHE A 248 -0.15 -12.82 -11.98
CA PHE A 248 1.16 -12.91 -12.64
C PHE A 248 2.03 -11.82 -12.03
N ASP A 249 3.02 -12.25 -11.26
CA ASP A 249 4.00 -11.37 -10.59
C ASP A 249 5.05 -10.93 -11.62
N VAL A 250 4.62 -10.06 -12.51
N VAL A 250 4.62 -10.06 -12.55
CA VAL A 250 5.51 -9.48 -13.55
CA VAL A 250 5.51 -9.43 -13.56
C VAL A 250 6.47 -8.48 -12.87
C VAL A 250 6.53 -8.55 -12.82
N HIS A 251 6.19 -8.02 -11.65
CA HIS A 251 7.15 -7.20 -10.87
C HIS A 251 8.44 -8.01 -10.64
N SER A 252 8.32 -9.25 -10.14
CA SER A 252 9.50 -10.12 -9.91
C SER A 252 10.19 -10.44 -11.23
N LEU A 253 9.43 -10.71 -12.29
CA LEU A 253 10.06 -11.03 -13.60
C LEU A 253 10.90 -9.82 -14.06
N PHE A 254 10.39 -8.60 -13.94
CA PHE A 254 11.13 -7.36 -14.34
C PHE A 254 12.40 -7.24 -13.50
N ASN A 255 12.30 -7.48 -12.21
CA ASN A 255 13.51 -7.45 -11.34
C ASN A 255 14.53 -8.49 -11.81
N ASP A 256 14.06 -9.68 -12.17
CA ASP A 256 14.94 -10.80 -12.60
C ASP A 256 15.67 -10.39 -13.88
N ILE A 257 14.96 -9.76 -14.82
CA ILE A 257 15.57 -9.32 -16.10
C ILE A 257 16.58 -8.22 -15.81
N TYR A 258 16.19 -7.25 -14.99
CA TYR A 258 17.03 -6.08 -14.64
C TYR A 258 18.33 -6.56 -13.97
N ASN A 259 18.23 -7.57 -13.10
CA ASN A 259 19.36 -8.01 -12.26
C ASN A 259 20.28 -8.99 -13.01
N ALA A 260 19.81 -9.61 -14.09
CA ALA A 260 20.59 -10.65 -14.82
C ALA A 260 20.34 -10.51 -16.32
N PRO A 261 20.65 -9.35 -16.92
CA PRO A 261 20.27 -9.09 -18.30
C PRO A 261 20.96 -9.97 -19.34
N THR A 262 22.11 -10.56 -18.99
CA THR A 262 22.83 -11.48 -19.93
C THR A 262 22.05 -12.79 -20.07
N LYS A 263 21.15 -13.13 -19.14
CA LYS A 263 20.25 -14.33 -19.21
C LYS A 263 19.04 -14.12 -20.12
N TYR A 264 18.71 -12.85 -20.45
CA TYR A 264 17.41 -12.47 -21.06
C TYR A 264 17.55 -11.63 -22.32
N LEU A 265 18.56 -10.76 -22.42
CA LEU A 265 18.70 -9.78 -23.53
C LEU A 265 19.94 -10.13 -24.36
N ASP A 266 19.96 -9.65 -25.60
CA ASP A 266 21.15 -9.68 -26.49
C ASP A 266 22.04 -8.50 -26.09
N ALA A 267 23.28 -8.46 -26.59
CA ALA A 267 24.18 -7.30 -26.44
C ALA A 267 23.42 -6.04 -26.89
N PRO A 268 23.59 -4.87 -26.21
CA PRO A 268 24.50 -4.70 -25.08
C PRO A 268 23.97 -5.00 -23.67
N HIS A 269 22.86 -5.72 -23.52
CA HIS A 269 22.34 -6.16 -22.19
C HIS A 269 22.01 -4.91 -21.35
N ASN A 270 21.44 -3.88 -21.99
CA ASN A 270 21.14 -2.59 -21.35
C ASN A 270 19.80 -2.65 -20.61
N VAL A 271 19.82 -2.35 -19.31
CA VAL A 271 18.60 -2.30 -18.45
C VAL A 271 18.35 -0.89 -17.91
N ASN A 272 19.35 -0.01 -17.89
CA ASN A 272 19.18 1.26 -17.17
C ASN A 272 19.03 2.43 -18.14
N SER A 273 19.17 2.22 -19.45
CA SER A 273 18.84 3.28 -20.44
C SER A 273 17.68 2.80 -21.31
N TYR A 274 17.54 3.35 -22.52
CA TYR A 274 16.36 3.09 -23.36
C TYR A 274 16.78 3.37 -24.80
N TYR A 275 16.14 2.64 -25.71
CA TYR A 275 16.59 2.53 -27.11
C TYR A 275 16.25 3.81 -27.87
N HIS A 276 15.02 4.26 -27.73
CA HIS A 276 14.42 5.37 -28.50
C HIS A 276 14.37 6.61 -27.63
N GLN A 277 15.24 7.58 -27.89
CA GLN A 277 15.52 8.71 -26.97
C GLN A 277 14.99 10.02 -27.58
N CYS A 278 13.94 10.57 -26.99
CA CYS A 278 13.22 11.77 -27.46
C CYS A 278 13.49 12.95 -26.52
N GLY A 279 13.46 14.15 -27.07
CA GLY A 279 13.42 15.39 -26.29
C GLY A 279 12.15 15.45 -25.46
N PRO A 280 12.09 16.38 -24.48
CA PRO A 280 10.94 16.48 -23.58
C PRO A 280 9.61 16.89 -24.26
N ALA A 281 9.67 17.43 -25.48
CA ALA A 281 8.46 17.68 -26.29
C ALA A 281 7.99 16.40 -26.97
N GLY A 282 8.80 15.34 -26.94
CA GLY A 282 8.52 14.05 -27.61
C GLY A 282 9.10 14.02 -29.00
N SER A 283 9.78 15.09 -29.38
CA SER A 283 10.41 15.31 -30.69
C SER A 283 11.55 16.30 -30.49
N PRO A 284 12.73 16.16 -31.14
CA PRO A 284 13.09 15.04 -32.01
C PRO A 284 13.59 13.79 -31.28
N CYS A 285 13.89 12.71 -32.03
CA CYS A 285 14.17 11.38 -31.43
C CYS A 285 15.38 10.74 -32.14
N THR A 286 16.24 10.06 -31.37
CA THR A 286 17.34 9.23 -31.94
C THR A 286 17.25 7.83 -31.32
N ASP A 287 17.52 6.81 -32.12
CA ASP A 287 17.65 5.41 -31.66
C ASP A 287 19.10 5.10 -31.35
N GLN A 288 19.33 4.28 -30.32
CA GLN A 288 20.69 3.81 -29.95
C GLN A 288 21.21 2.87 -31.04
N PRO A 289 22.55 2.68 -31.11
CA PRO A 289 23.12 1.68 -32.00
C PRO A 289 22.76 0.27 -31.50
N GLY A 290 22.98 -0.71 -32.35
CA GLY A 290 22.77 -2.12 -31.98
C GLY A 290 21.30 -2.46 -31.88
N SER A 291 21.02 -3.67 -31.46
CA SER A 291 19.67 -4.29 -31.60
C SER A 291 18.78 -3.78 -30.48
N LEU A 292 17.51 -3.56 -30.81
N LEU A 292 17.51 -3.57 -30.80
CA LEU A 292 16.45 -3.35 -29.80
CA LEU A 292 16.46 -3.33 -29.78
C LEU A 292 16.44 -4.55 -28.85
C LEU A 292 16.39 -4.55 -28.86
N ASN A 293 16.77 -5.75 -29.33
CA ASN A 293 16.75 -6.99 -28.48
C ASN A 293 17.81 -6.89 -27.37
N GLY A 294 18.68 -5.89 -27.43
CA GLY A 294 19.69 -5.64 -26.39
C GLY A 294 19.25 -4.61 -25.36
N TYR A 295 17.99 -4.14 -25.39
CA TYR A 295 17.47 -3.09 -24.48
C TYR A 295 16.24 -3.62 -23.73
N MET A 296 16.24 -3.48 -22.41
CA MET A 296 15.03 -3.79 -21.59
C MET A 296 13.90 -2.82 -21.94
N TRP A 297 14.25 -1.57 -22.21
CA TRP A 297 13.28 -0.45 -22.37
C TRP A 297 13.33 0.11 -23.79
N TYR A 298 12.19 0.12 -24.48
CA TYR A 298 12.11 0.79 -25.80
C TYR A 298 12.26 2.29 -25.59
N ASP A 299 11.52 2.83 -24.63
CA ASP A 299 11.71 4.24 -24.22
C ASP A 299 11.73 4.27 -22.70
N GLU A 300 11.72 5.46 -22.13
CA GLU A 300 11.98 5.61 -20.70
C GLU A 300 10.84 5.01 -19.87
N LEU A 301 9.69 4.72 -20.46
CA LEU A 301 8.52 4.15 -19.74
C LEU A 301 8.16 2.74 -20.23
N HIS A 302 8.50 2.36 -21.45
CA HIS A 302 7.90 1.19 -22.11
C HIS A 302 8.92 0.07 -22.24
N PRO A 303 8.56 -1.17 -21.85
CA PRO A 303 9.42 -2.33 -22.08
C PRO A 303 9.57 -2.53 -23.59
N SER A 304 10.76 -2.97 -23.98
CA SER A 304 11.08 -3.32 -25.37
C SER A 304 10.19 -4.48 -25.82
N ASN A 305 10.17 -4.71 -27.13
CA ASN A 305 9.50 -5.89 -27.70
C ASN A 305 10.20 -7.14 -27.16
N LYS A 306 11.52 -7.07 -26.90
CA LYS A 306 12.28 -8.21 -26.34
C LYS A 306 11.76 -8.52 -24.92
N THR A 307 11.67 -7.50 -24.06
CA THR A 307 11.11 -7.70 -22.71
C THR A 307 9.68 -8.21 -22.82
N SER A 308 8.90 -7.69 -23.76
CA SER A 308 7.48 -8.07 -23.95
C SER A 308 7.38 -9.55 -24.32
N SER A 309 8.32 -10.06 -25.14
CA SER A 309 8.35 -11.49 -25.53
C SER A 309 8.60 -12.36 -24.29
N ILE A 310 9.38 -11.85 -23.35
CA ILE A 310 9.70 -12.60 -22.09
C ILE A 310 8.45 -12.60 -21.20
N VAL A 311 7.77 -11.46 -21.11
CA VAL A 311 6.47 -11.35 -20.39
C VAL A 311 5.48 -12.37 -20.97
N ALA A 312 5.39 -12.43 -22.31
CA ALA A 312 4.45 -13.33 -22.99
C ALA A 312 4.74 -14.80 -22.65
N ARG A 313 6.00 -15.23 -22.72
CA ARG A 313 6.31 -16.68 -22.50
C ARG A 313 5.96 -17.04 -21.07
N ASN A 314 6.26 -16.17 -20.12
CA ASN A 314 5.94 -16.41 -18.68
C ASN A 314 4.43 -16.33 -18.46
N PHE A 315 3.73 -15.43 -19.14
CA PHE A 315 2.24 -15.37 -19.08
C PHE A 315 1.64 -16.72 -19.47
N LEU A 316 2.12 -17.31 -20.57
CA LEU A 316 1.56 -18.62 -21.03
C LEU A 316 1.82 -19.69 -19.97
N ASP A 317 2.96 -19.62 -19.28
CA ASP A 317 3.26 -20.57 -18.16
C ASP A 317 2.26 -20.37 -17.03
N VAL A 318 1.97 -19.12 -16.70
CA VAL A 318 0.96 -18.78 -15.64
C VAL A 318 -0.40 -19.34 -16.06
N VAL A 319 -0.80 -19.16 -17.32
CA VAL A 319 -2.13 -19.66 -17.77
C VAL A 319 -2.17 -21.20 -17.70
N ALA A 320 -1.04 -21.87 -17.92
CA ALA A 320 -0.92 -23.35 -17.87
C ALA A 320 -0.90 -23.84 -16.43
N GLY A 321 -0.80 -22.96 -15.44
CA GLY A 321 -0.75 -23.33 -14.02
C GLY A 321 0.61 -23.86 -13.60
N LYS A 322 1.69 -23.40 -14.24
CA LYS A 322 3.04 -23.89 -13.95
C LYS A 322 4.05 -22.77 -14.18
N SER A 323 4.18 -21.90 -13.19
CA SER A 323 5.09 -20.73 -13.26
C SER A 323 5.50 -20.29 -11.87
N LYS A 324 6.79 -20.01 -11.72
CA LYS A 324 7.33 -19.39 -10.49
C LYS A 324 6.71 -18.01 -10.31
N TYR A 325 6.19 -17.38 -11.37
CA TYR A 325 5.60 -16.02 -11.28
C TYR A 325 4.08 -16.06 -11.15
N GLY A 326 3.48 -17.25 -11.08
CA GLY A 326 2.01 -17.37 -11.01
C GLY A 326 1.55 -17.75 -9.61
N THR A 327 0.49 -17.11 -9.15
CA THR A 327 -0.30 -17.59 -7.98
C THR A 327 -1.73 -17.82 -8.46
N ARG A 328 -2.21 -19.07 -8.36
CA ARG A 328 -3.55 -19.47 -8.83
C ARG A 328 -4.51 -19.61 -7.64
N PHE A 329 -5.68 -18.97 -7.74
CA PHE A 329 -6.81 -19.03 -6.77
C PHE A 329 -8.07 -19.56 -7.46
N HIS A 330 -8.70 -20.59 -6.90
CA HIS A 330 -10.03 -21.09 -7.33
C HIS A 330 -11.14 -20.44 -6.48
N ASN B 9 -14.49 -9.59 30.08
CA ASN B 9 -14.01 -10.76 29.34
C ASN B 9 -12.60 -11.17 29.81
N PHE B 10 -11.79 -10.31 30.48
CA PHE B 10 -10.35 -10.59 30.66
C PHE B 10 -9.77 -10.02 31.97
N GLU B 11 -8.74 -10.68 32.48
CA GLU B 11 -8.07 -10.34 33.76
C GLU B 11 -6.76 -9.57 33.53
N THR B 12 -6.14 -9.75 32.36
CA THR B 12 -4.83 -9.14 32.01
C THR B 12 -4.91 -8.58 30.59
N LEU B 13 -4.43 -7.35 30.42
CA LEU B 13 -4.23 -6.70 29.12
C LEU B 13 -2.73 -6.51 28.92
N VAL B 14 -2.18 -7.10 27.86
CA VAL B 14 -0.76 -6.98 27.49
C VAL B 14 -0.70 -6.13 26.23
N THR B 15 0.06 -5.03 26.27
CA THR B 15 0.10 -4.09 25.13
C THR B 15 1.53 -3.89 24.63
N PHE B 16 1.66 -3.79 23.31
CA PHE B 16 2.91 -3.49 22.58
C PHE B 16 2.64 -2.26 21.74
N GLY B 17 3.65 -1.41 21.63
CA GLY B 17 3.45 -0.19 20.86
C GLY B 17 4.47 0.88 21.15
N ASP B 18 4.02 2.13 20.98
CA ASP B 18 4.86 3.34 21.06
C ASP B 18 4.27 4.31 22.09
N SER B 19 4.50 5.60 21.92
CA SER B 19 4.12 6.66 22.88
C SER B 19 2.59 6.78 23.01
N TYR B 20 1.79 6.31 22.04
CA TYR B 20 0.31 6.35 22.16
C TYR B 20 -0.10 5.41 23.30
N THR B 21 0.77 4.46 23.62
CA THR B 21 0.42 3.37 24.58
C THR B 21 1.27 3.43 25.85
N ASP B 22 2.51 3.83 25.74
CA ASP B 22 3.52 3.83 26.83
C ASP B 22 2.93 4.44 28.10
N ASN B 23 3.07 3.72 29.22
CA ASN B 23 2.62 4.19 30.56
C ASN B 23 3.83 4.23 31.50
N GLY B 24 5.04 4.46 30.99
CA GLY B 24 6.24 4.70 31.79
C GLY B 24 7.48 3.95 31.34
N ARG B 25 7.43 3.09 30.31
CA ARG B 25 8.57 2.19 30.03
C ARG B 25 9.78 2.96 29.44
N LEU B 26 9.60 3.93 28.54
CA LEU B 26 10.79 4.68 28.09
C LEU B 26 11.43 5.40 29.30
N GLY B 27 10.62 5.90 30.23
CA GLY B 27 11.12 6.48 31.47
C GLY B 27 12.10 5.58 32.18
N TYR B 28 11.79 4.28 32.27
CA TYR B 28 12.70 3.29 32.87
C TYR B 28 14.03 3.28 32.10
N TYR B 29 14.01 3.11 30.78
CA TYR B 29 15.26 3.10 29.98
C TYR B 29 16.08 4.37 30.22
N ILE B 30 15.43 5.53 30.25
CA ILE B 30 16.11 6.85 30.44
C ILE B 30 16.84 6.86 31.79
N ASN B 31 16.26 6.22 32.81
CA ASN B 31 16.77 6.30 34.19
C ASN B 31 17.66 5.11 34.53
N HIS B 32 17.82 4.15 33.62
CA HIS B 32 18.58 2.89 33.87
C HIS B 32 19.61 2.67 32.77
N GLY B 33 20.28 3.73 32.34
CA GLY B 33 21.41 3.65 31.40
C GLY B 33 21.00 3.08 30.05
N GLY B 34 19.75 3.29 29.63
CA GLY B 34 19.27 2.81 28.32
C GLY B 34 18.99 1.32 28.31
N LYS B 35 18.79 0.70 29.46
CA LYS B 35 18.55 -0.75 29.56
C LYS B 35 17.10 -0.98 29.96
N ALA B 36 16.53 -2.10 29.50
CA ALA B 36 15.19 -2.58 29.92
C ALA B 36 15.23 -2.99 31.39
N PRO B 37 14.03 -3.10 32.01
CA PRO B 37 13.95 -3.75 33.32
C PRO B 37 14.57 -5.15 33.27
N ARG B 38 15.03 -5.62 34.40
CA ARG B 38 15.51 -7.02 34.49
C ARG B 38 14.29 -7.93 34.39
N PRO B 39 14.52 -9.19 33.96
CA PRO B 39 13.45 -10.19 33.90
C PRO B 39 12.67 -10.27 35.21
N GLY B 40 11.35 -10.24 35.13
CA GLY B 40 10.48 -10.41 36.31
C GLY B 40 10.24 -9.11 37.04
N THR B 41 10.66 -7.98 36.47
CA THR B 41 10.31 -6.65 37.01
C THR B 41 9.73 -5.82 35.88
N MET B 42 8.78 -4.96 36.24
CA MET B 42 8.21 -3.96 35.31
C MET B 42 8.66 -2.56 35.71
N HIS B 43 8.61 -1.65 34.76
CA HIS B 43 8.78 -0.20 35.00
C HIS B 43 7.67 0.28 35.94
N ASP B 44 7.90 1.42 36.57
CA ASP B 44 6.87 2.17 37.35
C ASP B 44 5.84 2.73 36.37
N GLU B 45 4.56 2.48 36.66
CA GLU B 45 3.43 3.04 35.88
C GLU B 45 3.27 4.52 36.22
N THR B 46 3.19 5.39 35.23
CA THR B 46 2.83 6.82 35.43
C THR B 46 1.44 7.07 34.87
N THR B 47 0.72 8.02 35.45
CA THR B 47 -0.62 8.44 34.99
C THR B 47 -0.51 9.71 34.16
N THR B 48 0.71 10.20 33.89
CA THR B 48 0.94 11.31 32.94
C THR B 48 1.76 10.81 31.76
N THR B 49 1.07 10.38 30.70
CA THR B 49 1.72 9.81 29.50
C THR B 49 1.79 10.87 28.41
N ALA B 50 2.19 10.48 27.21
CA ALA B 50 2.31 11.44 26.08
C ALA B 50 0.94 12.06 25.74
N SER B 51 -0.17 11.53 26.26
CA SER B 51 -1.53 12.05 25.99
C SER B 51 -1.82 13.27 26.88
N GLY B 52 -0.97 13.58 27.87
CA GLY B 52 -1.27 14.57 28.90
C GLY B 52 -1.91 13.94 30.12
N GLY B 53 -2.30 12.68 30.02
CA GLY B 53 -2.89 11.92 31.12
C GLY B 53 -2.78 10.44 30.87
N LEU B 54 -3.84 9.68 31.12
CA LEU B 54 -3.81 8.23 30.89
C LEU B 54 -3.68 7.95 29.39
N SER B 55 -3.04 6.84 29.05
CA SER B 55 -3.05 6.28 27.67
C SER B 55 -4.32 5.44 27.50
N TRP B 56 -4.69 5.12 26.27
CA TRP B 56 -5.89 4.31 25.98
C TRP B 56 -5.81 3.00 26.78
N ALA B 57 -4.61 2.42 26.91
CA ALA B 57 -4.44 1.09 27.54
C ALA B 57 -4.81 1.18 29.02
N GLN B 58 -4.47 2.29 29.65
CA GLN B 58 -4.81 2.51 31.08
C GLN B 58 -6.31 2.67 31.24
N PHE B 59 -6.95 3.48 30.43
CA PHE B 59 -8.44 3.61 30.46
C PHE B 59 -9.07 2.23 30.28
N ALA B 60 -8.62 1.47 29.29
CA ALA B 60 -9.21 0.17 28.91
C ALA B 60 -9.06 -0.81 30.08
N ALA B 61 -7.84 -0.96 30.61
CA ALA B 61 -7.56 -1.96 31.69
C ALA B 61 -8.40 -1.58 32.91
N ARG B 62 -8.46 -0.30 33.23
CA ARG B 62 -9.18 0.13 34.44
C ARG B 62 -10.66 -0.21 34.33
N ASP B 63 -11.29 0.02 33.18
CA ASP B 63 -12.72 -0.29 32.96
C ASP B 63 -12.95 -1.80 32.92
N ALA B 64 -11.97 -2.59 32.46
CA ALA B 64 -12.09 -4.06 32.33
C ALA B 64 -11.80 -4.76 33.68
N GLY B 65 -11.34 -4.03 34.70
CA GLY B 65 -10.88 -4.64 35.96
C GLY B 65 -9.69 -5.52 35.71
N ALA B 66 -8.82 -5.12 34.77
CA ALA B 66 -7.71 -5.95 34.31
C ALA B 66 -6.39 -5.35 34.76
N THR B 67 -5.38 -6.22 34.96
CA THR B 67 -3.97 -5.85 35.18
C THR B 67 -3.40 -5.43 33.83
N LEU B 68 -2.74 -4.28 33.76
CA LEU B 68 -2.14 -3.80 32.51
C LEU B 68 -0.64 -4.10 32.55
N MET B 69 -0.16 -4.86 31.56
CA MET B 69 1.28 -5.11 31.34
C MET B 69 1.67 -4.40 30.05
N ASP B 70 2.20 -3.20 30.19
CA ASP B 70 2.32 -2.26 29.05
C ASP B 70 3.79 -2.23 28.63
N TYR B 71 4.13 -3.00 27.60
CA TYR B 71 5.52 -3.11 27.09
C TYR B 71 5.78 -2.03 26.04
N ALA B 72 4.78 -1.22 25.67
CA ALA B 72 4.98 -0.10 24.72
C ALA B 72 6.08 0.83 25.25
N VAL B 73 6.89 1.35 24.34
CA VAL B 73 8.02 2.26 24.64
C VAL B 73 7.88 3.47 23.72
N SER B 74 7.82 4.65 24.31
CA SER B 74 7.76 5.90 23.53
C SER B 74 8.91 5.90 22.53
N GLY B 75 8.58 6.23 21.28
CA GLY B 75 9.53 6.31 20.15
C GLY B 75 9.62 5.02 19.34
N ALA B 76 8.94 3.96 19.76
CA ALA B 76 9.11 2.62 19.17
C ALA B 76 8.66 2.58 17.71
N VAL B 77 9.31 1.68 17.00
CA VAL B 77 8.88 1.13 15.71
C VAL B 77 8.64 -0.36 15.91
N CYS B 78 8.13 -1.04 14.89
CA CYS B 78 7.85 -2.49 14.98
C CYS B 78 9.18 -3.28 15.03
N SER B 79 10.11 -2.97 14.15
CA SER B 79 11.38 -3.72 14.02
C SER B 79 12.52 -2.77 13.66
N ASN B 80 13.58 -2.75 14.46
CA ASN B 80 14.77 -1.91 14.17
C ASN B 80 15.55 -2.48 12.98
N GLN B 81 15.27 -3.71 12.55
CA GLN B 81 15.89 -4.26 11.32
C GLN B 81 15.23 -3.67 10.08
N ILE B 82 14.02 -3.15 10.18
CA ILE B 82 13.33 -2.50 9.03
C ILE B 82 13.69 -1.03 9.02
N VAL B 83 13.57 -0.37 10.15
CA VAL B 83 13.84 1.07 10.25
C VAL B 83 14.17 1.32 11.72
N SER B 84 15.11 2.21 11.99
CA SER B 84 15.47 2.57 13.38
C SER B 84 15.77 4.05 13.48
N ARG B 85 15.70 4.56 14.69
CA ARG B 85 16.03 5.98 15.01
C ARG B 85 16.86 6.00 16.29
N TYR B 86 17.89 6.84 16.31
CA TYR B 86 18.80 6.98 17.46
C TYR B 86 18.17 7.92 18.47
N PHE B 87 18.16 7.54 19.74
CA PHE B 87 17.72 8.41 20.85
C PHE B 87 18.95 8.79 21.70
N ASP B 88 19.46 10.01 21.54
CA ASP B 88 20.77 10.41 22.13
C ASP B 88 20.76 10.22 23.64
N LEU B 89 19.63 10.49 24.29
CA LEU B 89 19.47 10.51 25.77
C LEU B 89 19.74 9.12 26.34
N ILE B 90 19.55 8.05 25.57
CA ILE B 90 19.81 6.65 26.06
C ILE B 90 20.99 6.00 25.32
N ASN B 91 21.70 6.73 24.45
CA ASN B 91 22.89 6.23 23.70
C ASN B 91 22.55 4.95 22.95
N ARG B 92 21.34 4.85 22.40
CA ARG B 92 20.99 3.68 21.56
C ARG B 92 19.78 4.07 20.72
N THR B 93 19.37 3.18 19.84
CA THR B 93 18.10 3.33 19.10
C THR B 93 16.94 3.39 20.10
N PHE B 94 15.86 4.07 19.74
CA PHE B 94 14.59 3.83 20.44
C PHE B 94 14.30 2.33 20.37
N PRO B 95 13.91 1.73 21.51
CA PRO B 95 13.47 0.35 21.52
C PRO B 95 12.34 0.09 20.51
N ALA B 96 12.34 -1.12 19.94
CA ALA B 96 11.35 -1.57 18.96
C ALA B 96 10.57 -2.75 19.55
N ILE B 97 9.42 -3.05 18.97
CA ILE B 97 8.60 -4.19 19.46
C ILE B 97 9.40 -5.49 19.34
N LEU B 98 9.90 -5.85 18.15
CA LEU B 98 10.48 -7.20 17.98
C LEU B 98 11.81 -7.30 18.71
N ASP B 99 12.60 -6.23 18.75
CA ASP B 99 13.99 -6.28 19.26
C ASP B 99 13.98 -6.16 20.80
N ASP B 100 12.96 -5.50 21.37
CA ASP B 100 13.05 -5.05 22.78
C ASP B 100 11.78 -5.45 23.57
N GLU B 101 10.61 -5.06 23.10
CA GLU B 101 9.35 -5.23 23.88
C GLU B 101 9.02 -6.72 23.97
N ILE B 102 9.07 -7.44 22.86
CA ILE B 102 8.72 -8.88 22.83
C ILE B 102 9.70 -9.70 23.67
N PRO B 103 11.03 -9.52 23.54
CA PRO B 103 11.96 -10.26 24.41
C PRO B 103 11.72 -10.01 25.90
N SER B 104 11.40 -8.77 26.27
CA SER B 104 11.06 -8.44 27.67
C SER B 104 9.90 -9.31 28.13
N PHE B 105 8.82 -9.31 27.38
CA PHE B 105 7.58 -10.09 27.64
C PHE B 105 7.91 -11.58 27.73
N GLN B 106 8.65 -12.10 26.75
CA GLN B 106 9.03 -13.54 26.70
C GLN B 106 9.74 -13.92 28.00
N ALA B 107 10.60 -13.06 28.51
CA ALA B 107 11.34 -13.32 29.77
C ALA B 107 10.40 -13.21 30.97
N ASP B 108 9.45 -12.30 30.96
CA ASP B 108 8.58 -11.99 32.14
C ASP B 108 7.53 -13.08 32.39
N VAL B 109 7.04 -13.75 31.36
CA VAL B 109 5.85 -14.65 31.48
C VAL B 109 6.25 -15.86 32.34
N LEU B 110 7.55 -16.06 32.52
CA LEU B 110 8.14 -17.18 33.29
C LEU B 110 8.06 -16.87 34.79
N PHE B 111 7.72 -15.64 35.19
CA PHE B 111 7.63 -15.23 36.62
C PHE B 111 6.18 -15.19 37.10
N LYS B 112 5.82 -16.03 38.09
CA LYS B 112 4.48 -16.02 38.72
C LYS B 112 4.23 -14.71 39.46
N SER B 113 5.30 -14.04 39.88
CA SER B 113 5.27 -12.72 40.55
C SER B 113 4.56 -11.72 39.66
N LEU B 114 4.79 -11.82 38.34
CA LEU B 114 4.24 -10.88 37.33
C LEU B 114 2.97 -11.47 36.71
N TYR B 115 2.98 -12.77 36.43
CA TYR B 115 1.89 -13.49 35.72
C TYR B 115 1.46 -14.69 36.55
N PRO B 116 0.66 -14.46 37.61
CA PRO B 116 0.18 -15.55 38.46
C PRO B 116 -0.62 -16.66 37.78
N HIS B 117 -1.47 -16.30 36.80
CA HIS B 117 -2.43 -17.22 36.15
C HIS B 117 -2.78 -16.66 34.79
N ARG B 118 -1.81 -16.59 33.89
CA ARG B 118 -2.02 -16.16 32.50
C ARG B 118 -2.53 -17.34 31.70
N THR B 119 -3.72 -17.25 31.13
CA THR B 119 -4.30 -18.30 30.25
C THR B 119 -4.67 -17.69 28.91
N ALA B 120 -4.89 -18.56 27.93
CA ALA B 120 -5.38 -18.22 26.58
C ALA B 120 -6.70 -17.47 26.71
N GLU B 121 -7.48 -17.78 27.72
CA GLU B 121 -8.87 -17.26 27.85
C GLU B 121 -8.87 -15.92 28.59
N ASN B 122 -7.95 -15.69 29.52
CA ASN B 122 -8.10 -14.56 30.47
C ASN B 122 -7.21 -13.38 30.11
N THR B 123 -6.42 -13.48 29.03
CA THR B 123 -5.47 -12.40 28.67
C THR B 123 -5.73 -11.93 27.24
N VAL B 124 -5.78 -10.63 27.09
CA VAL B 124 -5.89 -9.97 25.77
C VAL B 124 -4.57 -9.29 25.44
N TYR B 125 -4.10 -9.49 24.21
CA TYR B 125 -2.85 -8.90 23.71
C TYR B 125 -3.19 -7.89 22.61
N ALA B 126 -2.70 -6.67 22.76
CA ALA B 126 -3.01 -5.58 21.81
C ALA B 126 -1.69 -5.00 21.28
N VAL B 127 -1.70 -4.65 20.00
CA VAL B 127 -0.54 -3.97 19.36
CA VAL B 127 -0.55 -4.02 19.31
C VAL B 127 -1.04 -2.73 18.62
N TRP B 128 -0.38 -1.62 18.88
CA TRP B 128 -0.66 -0.33 18.18
C TRP B 128 0.67 0.25 17.76
N ILE B 129 1.03 0.12 16.49
CA ILE B 129 2.38 0.56 16.05
C ILE B 129 2.23 1.09 14.63
N GLY B 130 3.09 1.99 14.24
CA GLY B 130 3.11 2.48 12.85
C GLY B 130 3.26 3.98 12.79
N THR B 131 2.83 4.71 13.81
CA THR B 131 2.95 6.18 13.83
C THR B 131 4.40 6.57 13.52
N ASN B 132 5.37 5.96 14.18
CA ASN B 132 6.79 6.32 13.95
C ASN B 132 7.31 5.65 12.68
N ASP B 133 6.94 4.39 12.44
CA ASP B 133 7.42 3.62 11.25
C ASP B 133 7.09 4.39 9.97
N LEU B 134 5.90 4.97 9.86
CA LEU B 134 5.43 5.57 8.60
C LEU B 134 5.88 7.02 8.51
N GLY B 135 6.44 7.57 9.58
CA GLY B 135 6.65 9.01 9.67
C GLY B 135 8.04 9.49 9.33
N TRP B 136 8.24 10.76 9.63
CA TRP B 136 9.50 11.47 9.40
C TRP B 136 10.64 10.76 10.12
N GLY B 137 11.77 10.56 9.43
CA GLY B 137 12.94 9.85 9.97
C GLY B 137 12.80 8.34 9.88
N ALA B 138 11.72 7.86 9.30
CA ALA B 138 11.48 6.42 9.02
C ALA B 138 11.01 6.31 7.56
N PHE B 139 9.90 5.62 7.26
CA PHE B 139 9.51 5.42 5.85
C PHE B 139 9.23 6.75 5.15
N LEU B 140 8.77 7.79 5.83
CA LEU B 140 8.34 9.03 5.12
C LEU B 140 9.55 9.74 4.50
N SER B 141 10.74 9.56 5.06
CA SER B 141 12.00 10.15 4.57
C SER B 141 12.87 9.08 3.90
N ASP B 142 12.32 7.91 3.59
CA ASP B 142 13.05 6.81 2.90
C ASP B 142 14.29 6.43 3.72
N SER B 143 14.15 6.43 5.04
CA SER B 143 15.26 6.20 5.98
C SER B 143 15.36 4.73 6.40
N GLN B 144 14.46 3.88 5.91
CA GLN B 144 14.46 2.44 6.25
C GLN B 144 15.67 1.73 5.61
N THR B 145 15.90 0.52 6.07
CA THR B 145 16.87 -0.42 5.46
C THR B 145 16.60 -0.45 3.95
N PRO B 146 17.61 -0.20 3.10
CA PRO B 146 17.36 -0.14 1.68
C PRO B 146 16.62 -1.40 1.17
N GLY B 147 15.58 -1.16 0.38
CA GLY B 147 14.76 -2.21 -0.23
C GLY B 147 13.52 -2.54 0.57
N LYS B 148 13.48 -2.23 1.87
CA LYS B 148 12.27 -2.52 2.64
C LYS B 148 11.16 -1.56 2.21
N THR B 149 9.93 -2.04 2.31
CA THR B 149 8.72 -1.30 1.92
C THR B 149 7.70 -1.36 3.05
N ILE B 150 6.64 -0.57 2.94
CA ILE B 150 5.57 -0.59 3.97
C ILE B 150 4.89 -1.96 4.02
N SER B 151 4.95 -2.77 2.97
CA SER B 151 4.43 -4.16 3.02
C SER B 151 5.23 -4.92 4.08
N ASP B 152 6.53 -4.63 4.22
CA ASP B 152 7.40 -5.32 5.22
C ASP B 152 7.01 -4.89 6.64
N PHE B 153 6.59 -3.65 6.81
CA PHE B 153 6.07 -3.15 8.10
C PHE B 153 4.86 -4.00 8.49
N VAL B 154 3.93 -4.21 7.58
CA VAL B 154 2.70 -4.99 7.88
C VAL B 154 3.12 -6.40 8.28
N SER B 155 4.06 -7.00 7.58
CA SER B 155 4.54 -8.38 7.91
C SER B 155 5.09 -8.38 9.34
N CYS B 156 5.74 -7.30 9.74
CA CYS B 156 6.31 -7.17 11.11
C CYS B 156 5.19 -7.22 12.16
N VAL B 157 4.06 -6.58 11.92
CA VAL B 157 2.93 -6.57 12.88
C VAL B 157 2.44 -8.00 13.05
N PHE B 158 2.34 -8.78 11.97
CA PHE B 158 1.88 -10.18 12.09
C PHE B 158 2.95 -10.99 12.84
N SER B 159 4.23 -10.70 12.65
N SER B 159 4.22 -10.68 12.65
CA SER B 159 5.33 -11.37 13.40
CA SER B 159 5.33 -11.36 13.37
C SER B 159 5.16 -11.13 14.90
C SER B 159 5.21 -11.12 14.87
N VAL B 160 4.71 -9.96 15.32
CA VAL B 160 4.50 -9.68 16.76
C VAL B 160 3.52 -10.73 17.29
N LEU B 161 2.42 -10.94 16.60
CA LEU B 161 1.39 -11.93 17.00
C LEU B 161 1.99 -13.35 16.98
N ASP B 162 2.87 -13.67 16.04
CA ASP B 162 3.53 -15.00 16.04
C ASP B 162 4.26 -15.22 17.37
N HIS B 163 5.03 -14.24 17.83
CA HIS B 163 5.84 -14.38 19.07
C HIS B 163 4.88 -14.50 20.25
N VAL B 164 3.80 -13.75 20.28
CA VAL B 164 2.83 -13.82 21.40
C VAL B 164 2.15 -15.18 21.37
N TYR B 165 1.74 -15.63 20.20
CA TYR B 165 1.13 -16.98 20.03
C TYR B 165 2.04 -18.04 20.64
N LYS B 166 3.34 -17.95 20.41
CA LYS B 166 4.26 -19.04 20.83
C LYS B 166 4.40 -19.08 22.35
N THR B 167 4.00 -18.02 23.05
CA THR B 167 3.93 -18.03 24.54
C THR B 167 2.59 -18.58 25.04
N GLY B 168 1.66 -18.93 24.15
CA GLY B 168 0.35 -19.44 24.56
C GLY B 168 -0.78 -18.43 24.42
N GLY B 169 -0.52 -17.20 23.97
CA GLY B 169 -1.54 -16.15 23.81
C GLY B 169 -2.45 -16.46 22.63
N ARG B 170 -3.74 -16.15 22.74
CA ARG B 170 -4.74 -16.57 21.73
C ARG B 170 -5.72 -15.43 21.40
N ARG B 171 -5.83 -14.39 22.22
CA ARG B 171 -6.80 -13.27 22.01
C ARG B 171 -6.02 -12.01 21.60
N PHE B 172 -6.10 -11.65 20.31
CA PHE B 172 -5.26 -10.58 19.74
C PHE B 172 -6.11 -9.44 19.21
N VAL B 173 -5.62 -8.23 19.41
CA VAL B 173 -6.23 -7.01 18.82
C VAL B 173 -5.12 -6.22 18.13
N ILE B 174 -5.29 -5.98 16.83
CA ILE B 174 -4.43 -5.03 16.09
C ILE B 174 -5.18 -3.71 15.97
N LEU B 175 -4.60 -2.62 16.50
CA LEU B 175 -5.12 -1.25 16.25
C LEU B 175 -4.40 -0.74 15.00
N ASN B 176 -5.16 -0.29 14.03
CA ASN B 176 -4.55 0.13 12.74
C ASN B 176 -4.00 1.55 12.87
N THR B 177 -3.52 2.12 11.78
CA THR B 177 -2.82 3.42 11.84
C THR B 177 -3.82 4.55 11.75
N VAL B 178 -3.56 5.60 12.49
CA VAL B 178 -4.45 6.79 12.54
C VAL B 178 -4.27 7.55 11.24
N PRO B 179 -5.19 8.48 10.93
CA PRO B 179 -5.06 9.34 9.75
C PRO B 179 -3.98 10.39 10.02
N LEU B 180 -2.72 10.00 9.75
CA LEU B 180 -1.55 10.81 10.16
C LEU B 180 -1.55 12.16 9.46
N GLU B 181 -2.20 12.24 8.30
CA GLU B 181 -2.26 13.54 7.58
C GLU B 181 -3.09 14.54 8.38
N LEU B 182 -3.86 14.11 9.38
CA LEU B 182 -4.74 14.99 10.19
C LEU B 182 -4.05 15.36 11.49
N ALA B 183 -2.99 14.66 11.86
CA ALA B 183 -2.12 15.07 12.99
C ALA B 183 -1.49 16.40 12.62
N PRO B 184 -1.51 17.42 13.49
CA PRO B 184 -0.90 18.71 13.14
C PRO B 184 0.54 18.59 12.66
N LEU B 185 1.29 17.60 13.10
CA LEU B 185 2.67 17.40 12.61
C LEU B 185 2.68 17.32 11.09
N TYR B 186 1.73 16.64 10.48
CA TYR B 186 1.74 16.39 9.01
C TYR B 186 0.74 17.26 8.29
N ALA B 187 -0.18 17.89 9.00
CA ALA B 187 -1.15 18.83 8.43
C ALA B 187 -0.44 20.08 7.87
N LEU B 188 -1.12 20.76 6.97
CA LEU B 188 -0.57 22.01 6.43
C LEU B 188 -0.74 23.13 7.45
N PRO B 189 0.23 24.07 7.53
CA PRO B 189 0.14 25.20 8.47
C PRO B 189 -1.14 26.04 8.37
N GLU B 190 -1.65 26.26 7.16
CA GLU B 190 -2.88 27.04 6.98
C GLU B 190 -4.11 26.27 7.49
N ASN B 191 -3.98 24.98 7.79
N ASN B 191 -3.97 24.97 7.78
CA ASN B 191 -5.08 24.24 8.44
CA ASN B 191 -5.04 24.19 8.45
C ASN B 191 -4.71 23.86 9.88
C ASN B 191 -4.60 23.77 9.86
N GLY B 192 -3.78 24.58 10.50
CA GLY B 192 -3.41 24.36 11.93
C GLY B 192 -2.18 23.52 12.09
N GLY B 193 -1.58 23.04 11.00
CA GLY B 193 -0.38 22.20 11.09
C GLY B 193 0.81 22.95 11.64
N THR B 194 1.79 22.23 12.15
CA THR B 194 3.03 22.83 12.68
C THR B 194 3.80 23.49 11.55
N LEU B 195 4.63 24.44 11.92
CA LEU B 195 5.84 24.77 11.11
C LEU B 195 6.93 23.77 11.51
N ASP B 196 8.18 24.18 11.65
CA ASP B 196 9.20 23.24 12.14
C ASP B 196 8.78 22.71 13.51
N SER B 197 8.90 21.42 13.72
CA SER B 197 8.36 20.70 14.89
C SER B 197 9.49 19.99 15.63
N GLN B 198 9.31 19.78 16.93
CA GLN B 198 10.17 18.87 17.70
C GLN B 198 10.22 17.48 17.08
N TYR B 199 9.22 17.07 16.31
CA TYR B 199 9.15 15.74 15.67
C TYR B 199 9.57 15.80 14.18
N TRP B 200 9.81 16.99 13.65
CA TRP B 200 10.23 17.20 12.23
C TRP B 200 10.73 18.62 12.12
N ASN B 201 11.98 18.83 12.53
CA ASN B 201 12.47 20.19 12.82
C ASN B 201 12.92 20.88 11.53
N THR B 202 12.81 20.23 10.39
CA THR B 202 13.04 20.85 9.05
C THR B 202 11.78 20.78 8.18
N LYS B 203 10.59 20.58 8.75
CA LYS B 203 9.32 20.42 7.99
C LYS B 203 9.18 21.50 6.91
N THR B 204 9.48 22.75 7.22
CA THR B 204 9.18 23.89 6.31
C THR B 204 10.13 23.90 5.11
N LYS B 205 11.18 23.08 5.11
CA LYS B 205 12.14 22.92 3.97
C LYS B 205 11.57 21.99 2.92
N TYR B 206 10.45 21.32 3.18
CA TYR B 206 9.87 20.29 2.29
C TYR B 206 8.53 20.75 1.73
N ASN B 207 8.14 20.07 0.66
CA ASN B 207 6.77 20.21 0.14
C ASN B 207 5.83 19.51 1.12
N MET B 208 5.29 20.29 2.05
CA MET B 208 4.47 19.72 3.14
C MET B 208 3.21 19.10 2.54
N THR B 209 2.70 19.65 1.44
CA THR B 209 1.49 19.12 0.80
C THR B 209 1.78 17.70 0.34
N GLU B 210 2.89 17.52 -0.37
CA GLU B 210 3.26 16.20 -0.93
CA GLU B 210 3.27 16.20 -0.93
C GLU B 210 3.53 15.19 0.20
N TYR B 211 4.26 15.60 1.22
CA TYR B 211 4.60 14.66 2.33
C TYR B 211 3.33 14.28 3.10
N GLY B 212 2.39 15.21 3.26
CA GLY B 212 1.10 14.89 3.93
C GLY B 212 0.28 13.91 3.12
N GLN B 213 0.21 14.08 1.81
CA GLN B 213 -0.55 13.14 0.97
C GLN B 213 0.16 11.80 0.95
N LYS B 214 1.48 11.78 0.98
CA LYS B 214 2.26 10.52 0.99
C LYS B 214 1.93 9.76 2.27
N ILE B 215 1.90 10.43 3.42
CA ILE B 215 1.64 9.69 4.68
C ILE B 215 0.18 9.23 4.72
N ARG B 216 -0.73 9.94 4.07
CA ARG B 216 -2.12 9.41 3.90
C ARG B 216 -2.10 8.14 3.05
N GLU B 217 -1.38 8.13 1.94
CA GLU B 217 -1.25 6.92 1.09
C GLU B 217 -0.64 5.76 1.90
N TYR B 218 0.41 6.03 2.64
CA TYR B 218 1.08 4.96 3.41
C TYR B 218 0.14 4.41 4.47
N SER B 219 -0.48 5.28 5.26
CA SER B 219 -1.35 4.84 6.38
C SER B 219 -2.58 4.10 5.86
N THR B 220 -3.26 4.62 4.85
CA THR B 220 -4.45 3.93 4.29
C THR B 220 -4.04 2.57 3.69
N SER B 221 -2.88 2.49 3.03
CA SER B 221 -2.43 1.24 2.38
C SER B 221 -2.11 0.21 3.47
N VAL B 222 -1.44 0.63 4.52
CA VAL B 222 -1.11 -0.27 5.65
C VAL B 222 -2.42 -0.77 6.26
N ASN B 223 -3.42 0.11 6.38
CA ASN B 223 -4.72 -0.27 6.99
C ASN B 223 -5.43 -1.30 6.14
N THR B 224 -5.44 -1.16 4.82
CA THR B 224 -6.05 -2.16 3.94
C THR B 224 -5.32 -3.49 4.14
N MET B 225 -3.99 -3.45 4.15
CA MET B 225 -3.15 -4.67 4.24
C MET B 225 -3.30 -5.29 5.63
N LEU B 226 -3.46 -4.51 6.68
CA LEU B 226 -3.64 -5.13 8.02
C LEU B 226 -4.98 -5.85 8.05
N GLU B 227 -6.03 -5.23 7.56
CA GLU B 227 -7.39 -5.84 7.62
C GLU B 227 -7.42 -7.12 6.76
N ASN B 228 -7.06 -7.02 5.49
CA ASN B 228 -7.14 -8.17 4.56
C ASN B 228 -6.05 -9.20 4.89
N GLY B 229 -4.87 -8.76 5.33
CA GLY B 229 -3.82 -9.69 5.80
C GLY B 229 -4.26 -10.49 7.01
N ALA B 230 -4.87 -9.86 7.99
CA ALA B 230 -5.34 -10.57 9.19
C ALA B 230 -6.43 -11.59 8.80
N LEU B 231 -7.31 -11.22 7.89
CA LEU B 231 -8.37 -12.14 7.40
C LEU B 231 -7.71 -13.36 6.74
N VAL B 232 -6.78 -13.15 5.83
CA VAL B 232 -6.11 -14.28 5.13
C VAL B 232 -5.36 -15.15 6.14
N MET B 233 -4.57 -14.51 7.02
CA MET B 233 -3.64 -15.22 7.92
C MET B 233 -4.49 -15.98 8.95
N ALA B 234 -5.49 -15.32 9.55
CA ALA B 234 -6.28 -15.94 10.64
C ALA B 234 -7.26 -16.98 10.08
N SER B 235 -7.99 -16.64 9.04
CA SER B 235 -9.17 -17.44 8.62
C SER B 235 -8.78 -18.43 7.53
N LEU B 236 -7.87 -18.06 6.62
CA LEU B 236 -7.54 -18.92 5.46
C LEU B 236 -6.31 -19.78 5.77
N LYS B 237 -5.18 -19.16 6.12
CA LYS B 237 -3.87 -19.83 6.26
C LYS B 237 -3.73 -20.49 7.64
N LYS B 238 -4.64 -20.21 8.58
CA LYS B 238 -4.58 -20.76 9.96
C LYS B 238 -3.19 -20.50 10.53
N ARG B 239 -2.74 -19.25 10.45
CA ARG B 239 -1.40 -18.88 10.95
C ARG B 239 -1.37 -19.05 12.47
N TRP B 240 -2.48 -18.81 13.13
CA TRP B 240 -2.58 -18.81 14.61
C TRP B 240 -3.70 -19.76 15.02
N PRO B 241 -3.48 -21.09 15.01
CA PRO B 241 -4.57 -22.03 15.26
C PRO B 241 -5.29 -21.76 16.59
N LYS B 242 -6.61 -21.73 16.53
CA LYS B 242 -7.51 -21.52 17.71
C LYS B 242 -7.31 -20.15 18.34
N ALA B 243 -6.68 -19.19 17.65
CA ALA B 243 -6.65 -17.79 18.08
C ALA B 243 -7.83 -17.04 17.46
N MET B 244 -8.06 -15.87 18.02
CA MET B 244 -9.05 -14.87 17.57
C MET B 244 -8.30 -13.56 17.38
N VAL B 245 -8.44 -12.96 16.20
CA VAL B 245 -7.74 -11.69 15.84
C VAL B 245 -8.83 -10.68 15.52
N ASP B 246 -8.86 -9.61 16.29
CA ASP B 246 -9.71 -8.43 15.99
C ASP B 246 -8.81 -7.37 15.37
N VAL B 247 -9.31 -6.72 14.33
CA VAL B 247 -8.68 -5.46 13.85
C VAL B 247 -9.60 -4.32 14.28
N PHE B 248 -9.03 -3.38 15.04
CA PHE B 248 -9.73 -2.16 15.53
C PHE B 248 -9.37 -1.04 14.57
N ASP B 249 -10.37 -0.59 13.81
CA ASP B 249 -10.23 0.50 12.82
C ASP B 249 -10.26 1.85 13.55
N VAL B 250 -9.19 2.15 14.27
N VAL B 250 -9.18 2.15 14.25
CA VAL B 250 -9.00 3.47 14.95
CA VAL B 250 -9.01 3.44 14.96
C VAL B 250 -8.89 4.55 13.88
C VAL B 250 -8.83 4.55 13.92
N HIS B 251 -8.44 4.22 12.67
CA HIS B 251 -8.40 5.24 11.58
C HIS B 251 -9.79 5.85 11.42
N SER B 252 -10.81 5.02 11.28
CA SER B 252 -12.21 5.48 11.11
C SER B 252 -12.71 6.23 12.35
N LEU B 253 -12.36 5.76 13.54
CA LEU B 253 -12.77 6.44 14.79
C LEU B 253 -12.17 7.83 14.83
N PHE B 254 -10.88 7.96 14.49
CA PHE B 254 -10.19 9.28 14.48
C PHE B 254 -10.87 10.21 13.47
N ASN B 255 -11.21 9.69 12.28
CA ASN B 255 -11.95 10.49 11.28
C ASN B 255 -13.27 10.96 11.87
N ASP B 256 -13.97 10.07 12.57
CA ASP B 256 -15.32 10.40 13.11
C ASP B 256 -15.20 11.49 14.16
N ILE B 257 -14.19 11.40 15.02
CA ILE B 257 -13.91 12.47 16.04
C ILE B 257 -13.60 13.78 15.29
N TYR B 258 -12.69 13.73 14.33
CA TYR B 258 -12.23 14.93 13.60
C TYR B 258 -13.43 15.63 12.95
N ASN B 259 -14.37 14.85 12.45
CA ASN B 259 -15.49 15.35 11.61
C ASN B 259 -16.68 15.78 12.47
N ALA B 260 -16.73 15.41 13.75
CA ALA B 260 -17.86 15.78 14.64
C ALA B 260 -17.31 16.14 16.02
N PRO B 261 -16.44 17.16 16.14
CA PRO B 261 -15.79 17.41 17.42
C PRO B 261 -16.75 17.83 18.52
N THR B 262 -17.92 18.40 18.18
CA THR B 262 -18.91 18.77 19.24
C THR B 262 -19.59 17.53 19.79
N LYS B 263 -19.56 16.40 19.09
CA LYS B 263 -20.12 15.12 19.60
C LYS B 263 -19.15 14.45 20.58
N TYR B 264 -17.85 14.61 20.40
CA TYR B 264 -16.79 13.80 21.05
C TYR B 264 -15.99 14.58 22.10
N LEU B 265 -15.84 15.88 21.92
CA LEU B 265 -14.92 16.70 22.76
C LEU B 265 -15.70 17.77 23.52
N ASP B 266 -15.11 18.26 24.61
CA ASP B 266 -15.67 19.43 25.33
C ASP B 266 -15.24 20.68 24.57
N ALA B 267 -15.74 21.83 24.95
CA ALA B 267 -15.32 23.13 24.39
C ALA B 267 -13.83 23.24 24.63
N PRO B 268 -13.04 23.80 23.69
CA PRO B 268 -13.52 24.42 22.46
C PRO B 268 -13.70 23.52 21.21
N HIS B 269 -13.69 22.21 21.39
CA HIS B 269 -13.99 21.23 20.30
C HIS B 269 -12.92 21.37 19.21
N ASN B 270 -11.67 21.41 19.60
CA ASN B 270 -10.57 21.68 18.64
C ASN B 270 -10.01 20.37 18.09
N VAL B 271 -9.90 20.27 16.77
CA VAL B 271 -9.31 19.07 16.12
C VAL B 271 -8.14 19.47 15.24
N ASN B 272 -8.02 20.73 14.84
CA ASN B 272 -6.96 21.12 13.86
C ASN B 272 -5.70 21.68 14.53
N SER B 273 -5.67 21.82 15.85
CA SER B 273 -4.47 22.32 16.56
C SER B 273 -4.18 21.32 17.67
N TYR B 274 -3.46 21.77 18.68
CA TYR B 274 -2.90 20.87 19.71
C TYR B 274 -2.71 21.71 20.96
N TYR B 275 -2.92 21.08 22.11
CA TYR B 275 -2.98 21.77 23.41
C TYR B 275 -1.61 22.32 23.84
N HIS B 276 -0.59 21.47 23.76
CA HIS B 276 0.77 21.70 24.31
C HIS B 276 1.69 22.02 23.13
N GLN B 277 2.09 23.30 23.03
CA GLN B 277 2.77 23.84 21.84
C GLN B 277 4.22 24.18 22.15
N CYS B 278 5.12 23.37 21.60
CA CYS B 278 6.56 23.45 21.85
C CYS B 278 7.26 24.00 20.62
N GLY B 279 8.34 24.73 20.85
CA GLY B 279 9.26 25.11 19.78
C GLY B 279 9.91 23.89 19.17
N PRO B 280 10.57 24.05 18.02
CA PRO B 280 11.12 22.91 17.29
C PRO B 280 12.28 22.19 18.00
N ALA B 281 12.88 22.78 19.03
CA ALA B 281 13.89 22.09 19.86
C ALA B 281 13.20 21.17 20.86
N GLY B 282 11.87 21.26 21.03
CA GLY B 282 11.12 20.55 22.11
C GLY B 282 10.93 21.43 23.32
N SER B 283 11.58 22.61 23.34
N SER B 283 11.48 22.64 23.28
N SER B 283 11.49 22.63 23.29
CA SER B 283 11.46 23.67 24.38
CA SER B 283 11.37 23.67 24.34
CA SER B 283 11.31 23.68 24.32
C SER B 283 11.57 25.03 23.69
C SER B 283 11.59 25.04 23.71
C SER B 283 11.53 25.03 23.67
N PRO B 284 10.94 26.12 24.20
CA PRO B 284 9.99 26.05 25.30
C PRO B 284 8.57 25.63 24.84
N CYS B 285 7.65 25.49 25.77
CA CYS B 285 6.28 24.99 25.52
C CYS B 285 5.28 25.87 26.27
N THR B 286 4.15 26.18 25.62
CA THR B 286 2.99 26.88 26.21
C THR B 286 1.70 26.12 25.87
N ASP B 287 0.70 26.21 26.76
CA ASP B 287 -0.55 25.45 26.63
C ASP B 287 -1.66 26.38 26.17
N GLN B 288 -2.54 25.80 25.35
CA GLN B 288 -3.70 26.48 24.77
C GLN B 288 -4.73 26.71 25.87
N PRO B 289 -5.69 27.62 25.61
CA PRO B 289 -6.69 27.94 26.61
C PRO B 289 -7.71 26.81 26.73
N GLY B 290 -8.26 26.70 27.92
CA GLY B 290 -9.41 25.83 28.20
C GLY B 290 -8.99 24.44 28.62
N SER B 291 -9.96 23.53 28.54
CA SER B 291 -9.82 22.14 29.03
C SER B 291 -9.07 21.30 27.99
N LEU B 292 -8.13 20.46 28.43
CA LEU B 292 -7.48 19.45 27.55
C LEU B 292 -8.58 18.52 27.01
N ASN B 293 -9.71 18.37 27.69
CA ASN B 293 -10.82 17.55 27.16
C ASN B 293 -11.49 18.21 25.95
N GLY B 294 -11.10 19.42 25.59
CA GLY B 294 -11.61 20.13 24.39
C GLY B 294 -10.67 20.02 23.21
N TYR B 295 -9.61 19.23 23.31
CA TYR B 295 -8.60 19.09 22.23
C TYR B 295 -8.47 17.63 21.83
N MET B 296 -8.51 17.37 20.53
CA MET B 296 -8.24 16.01 20.00
C MET B 296 -6.78 15.63 20.27
N TRP B 297 -5.86 16.59 20.17
CA TRP B 297 -4.40 16.36 20.14
C TRP B 297 -3.75 17.05 21.33
N TYR B 298 -3.06 16.29 22.18
CA TYR B 298 -2.26 16.90 23.26
C TYR B 298 -1.07 17.66 22.67
N ASP B 299 -0.36 17.02 21.74
CA ASP B 299 0.67 17.76 20.97
C ASP B 299 0.46 17.42 19.51
N GLU B 300 1.34 17.89 18.66
CA GLU B 300 1.12 17.81 17.20
C GLU B 300 1.12 16.36 16.70
N LEU B 301 1.60 15.39 17.48
CA LEU B 301 1.59 13.98 17.08
C LEU B 301 0.70 13.11 17.99
N HIS B 302 0.36 13.54 19.20
CA HIS B 302 -0.21 12.61 20.20
C HIS B 302 -1.66 12.91 20.47
N PRO B 303 -2.55 11.90 20.43
CA PRO B 303 -3.92 12.11 20.86
C PRO B 303 -3.97 12.50 22.33
N SER B 304 -4.92 13.36 22.65
CA SER B 304 -5.16 13.80 24.04
C SER B 304 -5.61 12.59 24.86
N ASN B 305 -5.57 12.77 26.16
CA ASN B 305 -6.17 11.75 27.08
C ASN B 305 -7.66 11.61 26.81
N LYS B 306 -8.34 12.69 26.39
CA LYS B 306 -9.77 12.64 26.03
C LYS B 306 -9.95 11.73 24.80
N THR B 307 -9.18 11.94 23.73
CA THR B 307 -9.23 11.05 22.55
C THR B 307 -8.90 9.60 22.98
N SER B 308 -7.89 9.45 23.82
CA SER B 308 -7.42 8.13 24.34
C SER B 308 -8.56 7.43 25.08
N SER B 309 -9.36 8.14 25.86
CA SER B 309 -10.54 7.58 26.57
C SER B 309 -11.58 7.06 25.57
N ILE B 310 -11.74 7.73 24.43
CA ILE B 310 -12.72 7.32 23.38
C ILE B 310 -12.16 6.06 22.70
N VAL B 311 -10.85 6.05 22.39
CA VAL B 311 -10.20 4.83 21.85
C VAL B 311 -10.45 3.64 22.79
N ALA B 312 -10.23 3.82 24.09
CA ALA B 312 -10.37 2.75 25.09
C ALA B 312 -11.83 2.22 25.12
N ARG B 313 -12.82 3.12 25.15
CA ARG B 313 -14.25 2.72 25.22
C ARG B 313 -14.57 1.84 24.02
N ASN B 314 -14.09 2.22 22.83
CA ASN B 314 -14.37 1.49 21.58
C ASN B 314 -13.55 0.21 21.53
N PHE B 315 -12.33 0.22 22.05
CA PHE B 315 -11.51 -1.00 22.20
C PHE B 315 -12.29 -2.07 22.96
N LEU B 316 -12.95 -1.70 24.07
CA LEU B 316 -13.66 -2.71 24.88
C LEU B 316 -14.84 -3.27 24.08
N ASP B 317 -15.48 -2.48 23.23
CA ASP B 317 -16.56 -2.98 22.34
C ASP B 317 -15.96 -3.93 21.32
N VAL B 318 -14.78 -3.61 20.78
CA VAL B 318 -14.10 -4.50 19.81
C VAL B 318 -13.84 -5.84 20.50
N VAL B 319 -13.36 -5.83 21.73
CA VAL B 319 -13.01 -7.08 22.46
C VAL B 319 -14.29 -7.87 22.73
N ALA B 320 -15.43 -7.19 22.89
CA ALA B 320 -16.75 -7.82 23.14
C ALA B 320 -17.34 -8.37 21.84
N GLY B 321 -16.73 -8.09 20.70
CA GLY B 321 -17.21 -8.51 19.37
C GLY B 321 -18.43 -7.72 18.92
N LYS B 322 -18.58 -6.46 19.37
CA LYS B 322 -19.75 -5.60 19.03
C LYS B 322 -19.33 -4.15 18.88
N SER B 323 -18.56 -3.87 17.85
CA SER B 323 -18.11 -2.48 17.54
C SER B 323 -18.24 -2.24 16.05
N LYS B 324 -18.72 -1.07 15.66
CA LYS B 324 -18.66 -0.66 14.24
C LYS B 324 -17.20 -0.47 13.78
N TYR B 325 -16.23 -0.39 14.68
CA TYR B 325 -14.80 -0.26 14.33
C TYR B 325 -14.07 -1.60 14.48
N GLY B 326 -14.78 -2.68 14.72
CA GLY B 326 -14.14 -3.98 14.99
C GLY B 326 -14.51 -4.98 13.93
N THR B 327 -13.51 -5.69 13.41
N THR B 327 -13.52 -5.71 13.44
CA THR B 327 -13.68 -6.86 12.50
CA THR B 327 -13.71 -6.84 12.51
C THR B 327 -12.99 -8.04 13.18
C THR B 327 -12.98 -8.04 13.15
N ARG B 328 -13.70 -9.15 13.35
N ARG B 328 -13.71 -9.13 13.35
CA ARG B 328 -13.18 -10.32 14.10
CA ARG B 328 -13.19 -10.32 14.09
C ARG B 328 -12.92 -11.48 13.12
C ARG B 328 -12.91 -11.46 13.10
N PHE B 329 -11.70 -12.03 13.18
CA PHE B 329 -11.25 -13.18 12.35
C PHE B 329 -10.90 -14.36 13.27
N HIS B 330 -11.66 -15.45 13.17
CA HIS B 330 -11.39 -16.73 13.89
C HIS B 330 -10.57 -17.67 13.00
#